data_7AVL
#
_entry.id   7AVL
#
_cell.length_a   83.854
_cell.length_b   39.824
_cell.length_c   176.534
_cell.angle_alpha   90
_cell.angle_beta   90.04
_cell.angle_gamma   90
#
_symmetry.space_group_name_H-M   'P 1 21 1'
#
loop_
_entity.id
_entity.type
_entity.pdbx_description
1 polymer 'Son of sevenless homolog 1'
2 non-polymer IMIDAZOLE
3 non-polymer 6,7-dimethoxy-2-methyl-~{N}-[(1~{R})-1-phenylethyl]quinazolin-4-amine
4 water water
#
_entity_poly.entity_id   1
_entity_poly.type   'polypeptide(L)'
_entity_poly.pdbx_seq_one_letter_code
;GEEQMRLPSADVYRFAEPDSEENIIFEENMQPKAGIPIIKAGTVIKLIERLTYHMYADPNFVRTFLTTYRSFCKPQELLS
LIIERFEIPEPEPTEADRIAIENGDQPLSAELKRFRKEYIQPVQLRVLNVCRHWVEHHFYDFERDAYLLQRMEEFIGTVR
GKAMKKWVESITKIIQRKKIARDNGPGHNITFQSSPPTVEWHISRPGHIETFDLLTLHPIEIARQLTLLESDLYRAVQPS
ELVGSVWTKEDKEINSPNLLKMIRHTTNLTLWFEKCIVETENLEERVAVVSRIIEILQVFQELNNFNGVLEVVSAMNSSP
VYRLDHTFEQIPSRQKKILEEAHELSEDHYKKYLAKLRSINPPCVPFFGIYLTNILKTEEGNPEVLKRHGKELINFSKRR
KVAEITGEIQQYQNQPYCLRVESDIKRFFENLNPMGNSMEKEFTDYLFNKSLEIEPRNPKPLPRFPKKYSYPLKSPGVRP
SNPRPGT
;
_entity_poly.pdbx_strand_id   A,B
#
loop_
_chem_comp.id
_chem_comp.type
_chem_comp.name
_chem_comp.formula
IMD non-polymer IMIDAZOLE 'C3 H5 N2 1'
S2Z non-polymer 6,7-dimethoxy-2-methyl-~{N}-[(1~{R})-1-phenylethyl]quinazolin-4-amine 'C19 H21 N3 O2'
#
# COMPACT_ATOMS: atom_id res chain seq x y z
N GLY A 1 -16.64 -16.98 -25.53
CA GLY A 1 -15.74 -17.56 -26.51
C GLY A 1 -15.84 -19.07 -26.61
N GLU A 2 -15.22 -19.66 -27.65
CA GLU A 2 -15.23 -21.11 -27.89
C GLU A 2 -14.63 -21.90 -26.72
N GLU A 3 -13.49 -21.43 -26.19
CA GLU A 3 -12.79 -22.10 -25.09
C GLU A 3 -13.65 -22.23 -23.83
N GLN A 4 -14.46 -21.20 -23.52
CA GLN A 4 -15.33 -21.21 -22.35
C GLN A 4 -16.58 -22.07 -22.56
N MET A 5 -17.14 -22.10 -23.78
CA MET A 5 -18.36 -22.87 -24.05
C MET A 5 -18.11 -24.38 -24.05
N ARG A 6 -16.89 -24.83 -24.38
CA ARG A 6 -16.56 -26.25 -24.33
C ARG A 6 -16.40 -26.75 -22.87
N LEU A 7 -16.14 -25.84 -21.91
CA LEU A 7 -16.04 -26.23 -20.50
C LEU A 7 -17.45 -26.49 -19.90
N PRO A 8 -17.57 -27.20 -18.76
CA PRO A 8 -18.93 -27.43 -18.20
C PRO A 8 -19.59 -26.16 -17.66
N SER A 9 -20.93 -26.16 -17.62
CA SER A 9 -21.70 -25.01 -17.13
C SER A 9 -21.58 -24.84 -15.61
N ALA A 10 -21.80 -23.62 -15.11
CA ALA A 10 -21.75 -23.31 -13.68
C ALA A 10 -22.88 -23.99 -12.88
N ASP A 11 -24.01 -24.32 -13.52
CA ASP A 11 -25.11 -25.01 -12.85
C ASP A 11 -24.85 -26.52 -12.63
N VAL A 12 -23.79 -27.08 -13.25
CA VAL A 12 -23.41 -28.49 -13.10
C VAL A 12 -21.96 -28.68 -12.59
N TYR A 13 -21.15 -27.62 -12.50
CA TYR A 13 -19.75 -27.76 -12.06
C TYR A 13 -19.20 -26.41 -11.58
N ARG A 14 -18.58 -26.36 -10.40
CA ARG A 14 -18.09 -25.12 -9.81
C ARG A 14 -16.65 -24.69 -10.19
N PHE A 15 -15.84 -25.58 -10.75
CA PHE A 15 -14.43 -25.28 -11.04
C PHE A 15 -14.14 -24.87 -12.48
N ALA A 16 -15.16 -24.40 -13.21
CA ALA A 16 -15.00 -23.99 -14.60
C ALA A 16 -15.46 -22.55 -14.88
N GLU A 17 -15.76 -21.75 -13.84
CA GLU A 17 -16.19 -20.36 -14.05
C GLU A 17 -15.02 -19.53 -14.57
N PRO A 18 -15.24 -18.51 -15.43
CA PRO A 18 -14.10 -17.75 -15.95
C PRO A 18 -13.27 -17.02 -14.90
N ASP A 19 -11.97 -16.87 -15.15
CA ASP A 19 -11.09 -16.13 -14.27
C ASP A 19 -11.46 -14.64 -14.34
N SER A 20 -11.30 -13.93 -13.23
CA SER A 20 -11.56 -12.49 -13.15
C SER A 20 -10.70 -11.85 -12.04
N GLU A 21 -10.62 -10.51 -12.03
CA GLU A 21 -9.87 -9.79 -10.99
C GLU A 21 -10.49 -10.00 -9.60
N GLU A 22 -11.79 -10.33 -9.51
CA GLU A 22 -12.44 -10.53 -8.22
C GLU A 22 -12.52 -12.00 -7.76
N ASN A 23 -11.77 -12.93 -8.39
CA ASN A 23 -11.73 -14.32 -7.92
C ASN A 23 -10.31 -14.93 -7.93
N ILE A 24 -9.35 -14.37 -8.70
CA ILE A 24 -7.97 -14.84 -8.69
C ILE A 24 -7.04 -13.76 -9.22
N ILE A 25 -5.92 -13.54 -8.54
CA ILE A 25 -4.90 -12.57 -8.95
C ILE A 25 -3.51 -13.22 -8.85
N PHE A 26 -2.57 -12.77 -9.69
CA PHE A 26 -1.23 -13.33 -9.77
C PHE A 26 -0.13 -12.30 -9.50
N GLU A 27 1.08 -12.78 -9.15
CA GLU A 27 2.26 -11.94 -8.96
C GLU A 27 2.85 -11.60 -10.33
N GLU A 28 3.72 -10.58 -10.41
CA GLU A 28 4.36 -10.22 -11.68
C GLU A 28 5.24 -11.36 -12.22
N ASN A 29 4.98 -11.79 -13.47
CA ASN A 29 5.68 -12.90 -14.13
C ASN A 29 6.56 -12.39 -15.28
N MET A 30 7.61 -13.17 -15.63
CA MET A 30 8.52 -12.85 -16.74
C MET A 30 8.74 -14.11 -17.59
N GLY A 35 6.87 -19.80 -18.40
CA GLY A 35 6.93 -19.84 -16.94
C GLY A 35 5.56 -19.93 -16.31
N ILE A 36 5.43 -20.81 -15.30
CA ILE A 36 4.16 -20.98 -14.60
C ILE A 36 3.87 -19.72 -13.78
N PRO A 37 2.68 -19.09 -13.92
CA PRO A 37 2.40 -17.90 -13.12
C PRO A 37 2.28 -18.24 -11.63
N ILE A 38 2.63 -17.29 -10.77
CA ILE A 38 2.60 -17.46 -9.32
C ILE A 38 1.30 -16.83 -8.81
N ILE A 39 0.48 -17.60 -8.10
CA ILE A 39 -0.79 -17.11 -7.59
C ILE A 39 -0.56 -16.23 -6.35
N LYS A 40 -1.11 -15.02 -6.37
CA LYS A 40 -1.00 -14.11 -5.24
C LYS A 40 -2.17 -14.34 -4.30
N ALA A 41 -3.38 -14.45 -4.85
CA ALA A 41 -4.58 -14.62 -4.07
C ALA A 41 -5.72 -15.17 -4.91
N GLY A 42 -6.69 -15.78 -4.24
CA GLY A 42 -7.86 -16.30 -4.91
C GLY A 42 -8.88 -16.86 -3.95
N THR A 43 -10.09 -17.11 -4.45
CA THR A 43 -11.11 -17.78 -3.64
C THR A 43 -10.67 -19.25 -3.48
N VAL A 44 -11.21 -19.99 -2.50
CA VAL A 44 -10.83 -21.40 -2.32
C VAL A 44 -11.15 -22.21 -3.58
N ILE A 45 -12.27 -21.91 -4.25
CA ILE A 45 -12.65 -22.63 -5.46
C ILE A 45 -11.60 -22.41 -6.57
N LYS A 46 -11.11 -21.17 -6.72
CA LYS A 46 -10.08 -20.89 -7.73
C LYS A 46 -8.74 -21.50 -7.33
N LEU A 47 -8.44 -21.58 -6.02
CA LEU A 47 -7.21 -22.21 -5.57
C LEU A 47 -7.25 -23.72 -5.82
N ILE A 48 -8.43 -24.37 -5.65
CA ILE A 48 -8.60 -25.79 -5.92
C ILE A 48 -8.48 -26.05 -7.43
N GLU A 49 -9.08 -25.17 -8.26
CA GLU A 49 -9.03 -25.31 -9.72
C GLU A 49 -7.58 -25.26 -10.19
N ARG A 50 -6.81 -24.29 -9.69
CA ARG A 50 -5.39 -24.15 -10.07
C ARG A 50 -4.50 -25.22 -9.44
N LEU A 51 -4.89 -25.73 -8.28
CA LEU A 51 -4.19 -26.84 -7.62
C LEU A 51 -4.21 -28.10 -8.51
N THR A 52 -5.28 -28.25 -9.32
CA THR A 52 -5.52 -29.38 -10.18
C THR A 52 -5.76 -28.92 -11.62
N TYR A 53 -4.95 -27.94 -12.08
CA TYR A 53 -5.08 -27.32 -13.40
C TYR A 53 -4.77 -28.32 -14.50
N HIS A 54 -5.57 -28.32 -15.56
CA HIS A 54 -5.38 -29.25 -16.67
C HIS A 54 -4.20 -28.97 -17.62
N MET A 55 -3.83 -27.68 -17.82
N MET A 55 -3.84 -27.69 -17.83
CA MET A 55 -2.79 -27.29 -18.77
CA MET A 55 -2.78 -27.31 -18.79
C MET A 55 -1.35 -27.70 -18.41
C MET A 55 -1.35 -27.72 -18.41
N TYR A 56 -1.01 -27.77 -17.11
CA TYR A 56 0.34 -28.13 -16.70
C TYR A 56 0.42 -28.55 -15.25
N ALA A 57 1.48 -29.28 -14.90
CA ALA A 57 1.73 -29.66 -13.52
C ALA A 57 2.33 -28.43 -12.82
N ASP A 58 2.09 -28.27 -11.52
CA ASP A 58 2.57 -27.11 -10.77
C ASP A 58 3.07 -27.61 -9.41
N PRO A 59 4.24 -28.26 -9.37
CA PRO A 59 4.73 -28.82 -8.10
C PRO A 59 4.99 -27.82 -6.98
N ASN A 60 5.36 -26.57 -7.30
CA ASN A 60 5.59 -25.55 -6.29
C ASN A 60 4.28 -25.15 -5.59
N PHE A 61 3.19 -24.99 -6.37
CA PHE A 61 1.91 -24.61 -5.82
C PHE A 61 1.31 -25.76 -5.00
N VAL A 62 1.43 -27.01 -5.48
CA VAL A 62 0.94 -28.18 -4.74
C VAL A 62 1.65 -28.29 -3.39
N ARG A 63 2.98 -28.18 -3.39
CA ARG A 63 3.77 -28.26 -2.17
C ARG A 63 3.36 -27.15 -1.17
N THR A 64 3.27 -25.89 -1.65
CA THR A 64 2.96 -24.75 -0.78
C THR A 64 1.55 -24.88 -0.23
N PHE A 65 0.60 -25.22 -1.11
CA PHE A 65 -0.80 -25.37 -0.76
C PHE A 65 -0.99 -26.47 0.30
N LEU A 66 -0.39 -27.66 0.11
CA LEU A 66 -0.58 -28.74 1.09
C LEU A 66 0.12 -28.45 2.43
N THR A 67 1.17 -27.62 2.44
CA THR A 67 1.82 -27.22 3.70
C THR A 67 0.96 -26.18 4.47
N THR A 68 0.33 -25.26 3.74
CA THR A 68 -0.37 -24.11 4.33
C THR A 68 -1.90 -24.05 4.25
N TYR A 69 -2.58 -24.99 3.59
CA TYR A 69 -4.04 -24.89 3.42
C TYR A 69 -4.86 -24.88 4.71
N ARG A 70 -4.34 -25.47 5.80
CA ARG A 70 -5.07 -25.54 7.08
C ARG A 70 -5.37 -24.15 7.68
N SER A 71 -4.66 -23.11 7.24
CA SER A 71 -4.92 -21.74 7.67
C SER A 71 -6.18 -21.16 7.03
N PHE A 72 -6.71 -21.74 5.93
CA PHE A 72 -7.94 -21.22 5.30
C PHE A 72 -8.96 -22.29 4.88
N CYS A 73 -8.69 -23.58 5.13
CA CYS A 73 -9.58 -24.67 4.72
C CYS A 73 -9.33 -25.88 5.62
N LYS A 74 -10.39 -26.55 6.06
CA LYS A 74 -10.22 -27.74 6.92
C LYS A 74 -9.82 -28.94 6.07
N PRO A 75 -9.07 -29.91 6.64
CA PRO A 75 -8.74 -31.13 5.87
C PRO A 75 -9.95 -31.84 5.25
N GLN A 76 -11.06 -31.99 6.01
CA GLN A 76 -12.27 -32.65 5.52
C GLN A 76 -12.87 -31.88 4.35
N GLU A 77 -12.86 -30.54 4.44
CA GLU A 77 -13.36 -29.65 3.40
C GLU A 77 -12.53 -29.77 2.13
N LEU A 78 -11.19 -29.82 2.27
CA LEU A 78 -10.30 -29.97 1.12
C LEU A 78 -10.54 -31.29 0.41
N LEU A 79 -10.76 -32.38 1.16
CA LEU A 79 -11.02 -33.68 0.53
C LEU A 79 -12.34 -33.63 -0.25
N SER A 80 -13.37 -32.98 0.31
CA SER A 80 -14.65 -32.87 -0.38
C SER A 80 -14.50 -32.05 -1.67
N LEU A 81 -13.73 -30.97 -1.61
CA LEU A 81 -13.50 -30.10 -2.77
C LEU A 81 -12.70 -30.80 -3.89
N ILE A 82 -11.63 -31.58 -3.56
CA ILE A 82 -10.87 -32.26 -4.64
C ILE A 82 -11.69 -33.43 -5.22
N ILE A 83 -12.53 -34.08 -4.40
CA ILE A 83 -13.41 -35.14 -4.91
C ILE A 83 -14.45 -34.51 -5.84
N GLU A 84 -15.02 -33.35 -5.46
CA GLU A 84 -15.98 -32.62 -6.28
C GLU A 84 -15.32 -32.21 -7.61
N ARG A 85 -14.07 -31.73 -7.54
CA ARG A 85 -13.24 -31.36 -8.71
C ARG A 85 -13.11 -32.54 -9.70
N PHE A 86 -12.83 -33.75 -9.20
CA PHE A 86 -12.68 -34.98 -9.99
C PHE A 86 -13.94 -35.38 -10.77
N GLU A 87 -15.13 -35.15 -10.21
CA GLU A 87 -16.39 -35.53 -10.84
C GLU A 87 -16.82 -34.50 -11.90
N ILE A 88 -16.26 -34.61 -13.10
CA ILE A 88 -16.55 -33.66 -14.18
C ILE A 88 -17.66 -34.16 -15.09
N PRO A 89 -18.73 -33.38 -15.32
CA PRO A 89 -19.77 -33.81 -16.28
C PRO A 89 -19.30 -33.72 -17.72
N GLU A 90 -19.79 -34.62 -18.55
CA GLU A 90 -19.41 -34.66 -19.96
C GLU A 90 -20.43 -33.92 -20.82
N PRO A 91 -20.00 -33.29 -21.92
CA PRO A 91 -20.97 -32.59 -22.78
C PRO A 91 -21.95 -33.53 -23.44
N GLU A 92 -23.11 -32.99 -23.84
CA GLU A 92 -24.12 -33.76 -24.53
C GLU A 92 -23.68 -34.05 -25.96
N PRO A 93 -24.16 -35.16 -26.56
CA PRO A 93 -23.78 -35.43 -27.95
C PRO A 93 -24.29 -34.36 -28.92
N THR A 94 -23.61 -34.21 -30.05
CA THR A 94 -24.03 -33.25 -31.08
C THR A 94 -25.35 -33.78 -31.72
N GLU A 95 -26.01 -32.98 -32.56
CA GLU A 95 -27.25 -33.41 -33.20
C GLU A 95 -27.00 -34.62 -34.11
N ALA A 96 -25.92 -34.59 -34.91
CA ALA A 96 -25.61 -35.71 -35.80
C ALA A 96 -25.35 -36.98 -35.01
N ASP A 97 -24.62 -36.86 -33.88
CA ASP A 97 -24.33 -38.01 -33.05
C ASP A 97 -25.57 -38.53 -32.29
N ARG A 98 -26.49 -37.63 -31.94
CA ARG A 98 -27.76 -38.02 -31.32
C ARG A 98 -28.57 -38.94 -32.26
N ILE A 99 -28.54 -38.63 -33.58
CA ILE A 99 -29.22 -39.40 -34.62
C ILE A 99 -28.52 -40.75 -34.79
N ALA A 100 -27.18 -40.75 -34.80
CA ALA A 100 -26.41 -41.99 -34.90
C ALA A 100 -26.72 -42.92 -33.71
N ILE A 101 -26.74 -42.37 -32.49
CA ILE A 101 -27.02 -43.12 -31.26
C ILE A 101 -28.44 -43.74 -31.31
N GLU A 102 -29.47 -42.97 -31.74
CA GLU A 102 -30.84 -43.53 -31.81
C GLU A 102 -31.00 -44.56 -32.92
N ASN A 103 -30.17 -44.51 -33.97
CA ASN A 103 -30.17 -45.56 -34.98
C ASN A 103 -29.40 -46.84 -34.50
N GLY A 104 -28.73 -46.76 -33.33
CA GLY A 104 -27.95 -47.83 -32.75
C GLY A 104 -26.50 -47.89 -33.23
N ASP A 105 -26.02 -46.82 -33.91
CA ASP A 105 -24.67 -46.76 -34.44
C ASP A 105 -23.72 -46.06 -33.46
N GLN A 106 -22.42 -46.21 -33.70
CA GLN A 106 -21.41 -45.62 -32.85
C GLN A 106 -21.29 -44.13 -33.20
N PRO A 107 -21.40 -43.21 -32.22
CA PRO A 107 -21.23 -41.79 -32.56
C PRO A 107 -19.75 -41.43 -32.80
N LEU A 108 -19.53 -40.34 -33.52
CA LEU A 108 -18.18 -39.84 -33.81
C LEU A 108 -17.57 -39.31 -32.52
N SER A 109 -18.35 -38.53 -31.74
CA SER A 109 -17.94 -37.99 -30.43
C SER A 109 -16.62 -37.24 -30.51
N ALA A 110 -16.43 -36.44 -31.58
CA ALA A 110 -15.16 -35.72 -31.77
C ALA A 110 -14.83 -34.75 -30.59
N GLU A 111 -15.76 -33.85 -30.23
CA GLU A 111 -15.54 -32.92 -29.15
C GLU A 111 -15.59 -33.63 -27.80
N LEU A 112 -16.45 -34.64 -27.65
CA LEU A 112 -16.53 -35.40 -26.39
C LEU A 112 -15.19 -36.12 -26.10
N LYS A 113 -14.60 -36.80 -27.10
CA LYS A 113 -13.32 -37.48 -26.91
C LYS A 113 -12.21 -36.48 -26.59
N ARG A 114 -12.23 -35.31 -27.25
CA ARG A 114 -11.25 -34.25 -27.03
C ARG A 114 -11.37 -33.67 -25.60
N PHE A 115 -12.60 -33.44 -25.13
CA PHE A 115 -12.83 -32.93 -23.78
C PHE A 115 -12.32 -33.93 -22.75
N ARG A 116 -12.56 -35.24 -22.97
CA ARG A 116 -12.08 -36.28 -22.07
C ARG A 116 -10.55 -36.34 -22.04
N LYS A 117 -9.90 -36.28 -23.21
CA LYS A 117 -8.45 -36.36 -23.30
C LYS A 117 -7.71 -35.09 -22.80
N GLU A 118 -8.22 -33.90 -23.16
CA GLU A 118 -7.56 -32.64 -22.85
C GLU A 118 -7.98 -31.96 -21.56
N TYR A 119 -9.13 -32.34 -20.95
CA TYR A 119 -9.58 -31.70 -19.71
C TYR A 119 -9.86 -32.74 -18.58
N ILE A 120 -10.76 -33.69 -18.80
CA ILE A 120 -11.15 -34.63 -17.74
C ILE A 120 -9.99 -35.48 -17.24
N GLN A 121 -9.26 -36.15 -18.15
CA GLN A 121 -8.15 -37.02 -17.76
C GLN A 121 -7.04 -36.21 -17.05
N PRO A 122 -6.55 -35.08 -17.61
CA PRO A 122 -5.56 -34.28 -16.87
C PRO A 122 -6.06 -33.80 -15.48
N VAL A 123 -7.30 -33.28 -15.36
CA VAL A 123 -7.80 -32.80 -14.05
C VAL A 123 -7.88 -33.98 -13.05
N GLN A 124 -8.40 -35.13 -13.48
CA GLN A 124 -8.51 -36.30 -12.61
C GLN A 124 -7.13 -36.82 -12.17
N LEU A 125 -6.13 -36.81 -13.07
CA LEU A 125 -4.76 -37.21 -12.71
C LEU A 125 -4.13 -36.18 -11.77
N ARG A 126 -4.48 -34.88 -11.91
CA ARG A 126 -3.98 -33.86 -10.98
C ARG A 126 -4.57 -34.05 -9.60
N VAL A 127 -5.87 -34.40 -9.50
CA VAL A 127 -6.52 -34.68 -8.23
C VAL A 127 -5.78 -35.87 -7.54
N LEU A 128 -5.47 -36.92 -8.30
CA LEU A 128 -4.77 -38.08 -7.76
C LEU A 128 -3.32 -37.73 -7.37
N ASN A 129 -2.68 -36.80 -8.09
CA ASN A 129 -1.33 -36.35 -7.72
C ASN A 129 -1.41 -35.58 -6.39
N VAL A 130 -2.45 -34.77 -6.20
CA VAL A 130 -2.67 -34.06 -4.93
C VAL A 130 -2.86 -35.08 -3.79
N CYS A 131 -3.70 -36.12 -3.99
CA CYS A 131 -3.91 -37.18 -2.99
C CYS A 131 -2.58 -37.84 -2.60
N ARG A 132 -1.75 -38.18 -3.60
CA ARG A 132 -0.45 -38.82 -3.38
C ARG A 132 0.48 -37.92 -2.55
N HIS A 133 0.57 -36.64 -2.90
CA HIS A 133 1.41 -35.69 -2.18
C HIS A 133 0.90 -35.51 -0.74
N TRP A 134 -0.42 -35.43 -0.58
CA TRP A 134 -1.08 -35.28 0.71
C TRP A 134 -0.71 -36.45 1.65
N VAL A 135 -0.84 -37.70 1.17
CA VAL A 135 -0.50 -38.86 2.01
C VAL A 135 1.01 -39.00 2.24
N GLU A 136 1.84 -38.62 1.28
CA GLU A 136 3.30 -38.74 1.39
C GLU A 136 3.92 -37.71 2.35
N HIS A 137 3.51 -36.44 2.27
CA HIS A 137 4.15 -35.37 3.06
C HIS A 137 3.35 -34.87 4.22
N HIS A 138 2.04 -35.22 4.31
CA HIS A 138 1.21 -34.74 5.40
C HIS A 138 0.30 -35.86 5.94
N PHE A 139 0.82 -37.08 6.11
CA PHE A 139 0.01 -38.21 6.62
C PHE A 139 -0.58 -37.93 8.00
N TYR A 140 0.02 -37.00 8.77
CA TYR A 140 -0.48 -36.63 10.08
C TYR A 140 -1.96 -36.20 10.06
N ASP A 141 -2.44 -35.62 8.96
CA ASP A 141 -3.85 -35.25 8.83
C ASP A 141 -4.76 -36.48 8.95
N PHE A 142 -4.31 -37.60 8.37
CA PHE A 142 -4.98 -38.90 8.36
C PHE A 142 -4.80 -39.64 9.69
N GLU A 143 -3.67 -39.43 10.38
CA GLU A 143 -3.44 -40.03 11.70
C GLU A 143 -4.36 -39.35 12.72
N ARG A 144 -4.52 -38.02 12.63
CA ARG A 144 -5.39 -37.26 13.50
C ARG A 144 -6.88 -37.48 13.20
N ASP A 145 -7.23 -37.83 11.96
CA ASP A 145 -8.62 -38.00 11.58
C ASP A 145 -8.82 -39.31 10.82
N ALA A 146 -9.18 -40.38 11.54
CA ALA A 146 -9.38 -41.71 10.94
C ALA A 146 -10.52 -41.70 9.90
N TYR A 147 -11.53 -40.84 10.11
CA TYR A 147 -12.66 -40.69 9.18
C TYR A 147 -12.18 -40.08 7.84
N LEU A 148 -11.23 -39.13 7.90
CA LEU A 148 -10.64 -38.49 6.69
C LEU A 148 -9.91 -39.55 5.84
N LEU A 149 -9.23 -40.51 6.48
CA LEU A 149 -8.54 -41.59 5.77
C LEU A 149 -9.53 -42.59 5.18
N GLN A 150 -10.59 -42.94 5.93
CA GLN A 150 -11.64 -43.84 5.44
C GLN A 150 -12.28 -43.24 4.15
N ARG A 151 -12.50 -41.92 4.16
CA ARG A 151 -13.04 -41.21 3.01
C ARG A 151 -12.07 -41.22 1.82
N MET A 152 -10.78 -41.00 2.09
CA MET A 152 -9.74 -41.01 1.05
C MET A 152 -9.64 -42.42 0.44
N GLU A 153 -9.57 -43.45 1.28
CA GLU A 153 -9.45 -44.83 0.83
C GLU A 153 -10.68 -45.27 0.03
N GLU A 154 -11.87 -44.77 0.37
CA GLU A 154 -13.08 -45.10 -0.38
C GLU A 154 -13.01 -44.42 -1.75
N PHE A 155 -12.61 -43.15 -1.77
CA PHE A 155 -12.48 -42.39 -3.01
C PHE A 155 -11.49 -43.05 -4.00
N ILE A 156 -10.23 -43.27 -3.56
CA ILE A 156 -9.23 -43.84 -4.46
C ILE A 156 -9.58 -45.28 -4.83
N GLY A 157 -10.14 -46.03 -3.88
CA GLY A 157 -10.55 -47.41 -4.09
C GLY A 157 -11.74 -47.63 -5.01
N THR A 158 -12.44 -46.56 -5.42
CA THR A 158 -13.56 -46.66 -6.35
C THR A 158 -13.27 -45.99 -7.71
N VAL A 159 -12.05 -45.43 -7.92
CA VAL A 159 -11.66 -44.82 -9.19
C VAL A 159 -11.53 -45.95 -10.22
N ARG A 160 -12.13 -45.78 -11.42
CA ARG A 160 -12.13 -46.82 -12.47
C ARG A 160 -11.19 -46.53 -13.63
N GLY A 161 -10.69 -47.59 -14.25
CA GLY A 161 -9.79 -47.50 -15.40
C GLY A 161 -8.34 -47.84 -15.07
N LYS A 162 -7.68 -48.59 -15.97
CA LYS A 162 -6.28 -49.02 -15.82
C LYS A 162 -5.30 -47.85 -15.82
N ALA A 163 -5.60 -46.78 -16.57
CA ALA A 163 -4.72 -45.61 -16.63
C ALA A 163 -4.58 -44.96 -15.24
N MET A 164 -5.69 -44.88 -14.49
CA MET A 164 -5.69 -44.32 -13.14
C MET A 164 -5.44 -45.36 -12.02
N LYS A 165 -5.58 -46.66 -12.31
CA LYS A 165 -5.36 -47.70 -11.30
C LYS A 165 -3.89 -47.75 -10.86
N LYS A 166 -2.95 -47.38 -11.74
CA LYS A 166 -1.52 -47.36 -11.39
C LYS A 166 -1.23 -46.23 -10.42
N TRP A 167 -1.90 -45.07 -10.60
CA TRP A 167 -1.83 -43.95 -9.68
C TRP A 167 -2.43 -44.34 -8.33
N VAL A 168 -3.58 -45.03 -8.34
CA VAL A 168 -4.25 -45.47 -7.11
C VAL A 168 -3.33 -46.42 -6.32
N GLU A 169 -2.68 -47.38 -7.01
CA GLU A 169 -1.79 -48.33 -6.34
C GLU A 169 -0.61 -47.60 -5.68
N SER A 170 -0.05 -46.56 -6.33
CA SER A 170 1.06 -45.78 -5.75
C SER A 170 0.61 -45.03 -4.49
N ILE A 171 -0.63 -44.52 -4.48
CA ILE A 171 -1.18 -43.82 -3.32
C ILE A 171 -1.36 -44.84 -2.19
N THR A 172 -1.97 -45.99 -2.49
CA THR A 172 -2.21 -47.04 -1.50
C THR A 172 -0.90 -47.53 -0.86
N LYS A 173 0.14 -47.75 -1.68
CA LYS A 173 1.46 -48.21 -1.20
C LYS A 173 2.00 -47.24 -0.13
N ILE A 174 1.88 -45.93 -0.37
CA ILE A 174 2.33 -44.92 0.59
C ILE A 174 1.49 -45.02 1.88
N ILE A 175 0.14 -45.04 1.75
CA ILE A 175 -0.77 -45.11 2.91
C ILE A 175 -0.42 -46.30 3.81
N GLN A 176 -0.23 -47.47 3.19
CA GLN A 176 0.11 -48.68 3.93
C GLN A 176 1.50 -48.59 4.59
N ARG A 177 2.48 -48.03 3.87
CA ARG A 177 3.83 -47.81 4.41
C ARG A 177 3.77 -46.89 5.64
N LYS A 178 2.94 -45.84 5.58
CA LYS A 178 2.77 -44.89 6.68
C LYS A 178 2.11 -45.57 7.90
N LYS A 179 1.11 -46.43 7.66
CA LYS A 179 0.46 -47.16 8.74
C LYS A 179 1.45 -48.11 9.42
N ILE A 180 2.29 -48.80 8.61
CA ILE A 180 3.31 -49.73 9.12
C ILE A 180 4.39 -48.97 9.92
N ALA A 181 4.74 -47.74 9.49
CA ALA A 181 5.73 -46.93 10.18
C ALA A 181 5.26 -46.44 11.54
N ARG A 182 3.94 -46.25 11.74
CA ARG A 182 3.42 -45.81 13.05
C ARG A 182 3.70 -46.91 14.10
N ASP A 183 3.54 -48.18 13.70
CA ASP A 183 3.80 -49.33 14.56
C ASP A 183 5.34 -49.52 14.69
N ASN A 184 6.01 -50.14 13.68
CA ASN A 184 7.46 -50.38 13.69
C ASN A 184 8.03 -50.26 12.27
N THR A 191 24.13 -46.60 10.83
CA THR A 191 24.11 -45.35 10.06
C THR A 191 25.42 -44.55 10.22
N PHE A 192 26.12 -44.65 11.38
CA PHE A 192 27.38 -43.93 11.59
C PHE A 192 28.54 -44.54 10.81
N GLN A 193 29.47 -43.70 10.30
CA GLN A 193 30.67 -44.16 9.60
C GLN A 193 31.78 -44.52 10.60
N SER A 194 31.86 -43.77 11.72
CA SER A 194 32.85 -43.97 12.77
C SER A 194 32.15 -44.28 14.10
N SER A 195 32.91 -44.83 15.08
CA SER A 195 32.35 -45.09 16.41
C SER A 195 32.20 -43.72 17.12
N PRO A 196 31.12 -43.45 17.90
CA PRO A 196 31.03 -42.14 18.57
C PRO A 196 32.07 -41.99 19.68
N PRO A 197 32.43 -40.75 20.09
CA PRO A 197 33.41 -40.59 21.17
C PRO A 197 32.93 -41.17 22.50
N THR A 198 33.88 -41.43 23.39
CA THR A 198 33.58 -42.01 24.70
C THR A 198 32.70 -41.09 25.52
N VAL A 199 31.67 -41.66 26.16
CA VAL A 199 30.77 -40.90 27.02
C VAL A 199 31.56 -40.39 28.23
N GLU A 200 31.56 -39.07 28.43
CA GLU A 200 32.31 -38.43 29.51
C GLU A 200 31.53 -38.41 30.82
N TRP A 201 32.24 -38.65 31.93
CA TRP A 201 31.69 -38.62 33.28
C TRP A 201 32.58 -37.76 34.18
N HIS A 202 31.99 -37.14 35.21
CA HIS A 202 32.72 -36.29 36.14
C HIS A 202 32.57 -36.80 37.61
N ILE A 203 31.57 -36.34 38.39
CA ILE A 203 31.41 -36.78 39.77
C ILE A 203 30.38 -37.89 39.78
N SER A 204 29.19 -37.63 39.18
CA SER A 204 28.12 -38.63 39.09
C SER A 204 28.59 -39.85 38.34
N ARG A 205 28.32 -41.04 38.88
CA ARG A 205 28.72 -42.27 38.23
C ARG A 205 27.59 -42.74 37.31
N PRO A 206 27.89 -43.54 36.26
CA PRO A 206 26.79 -44.07 35.43
C PRO A 206 25.77 -44.86 36.25
N GLY A 207 24.48 -44.55 36.05
CA GLY A 207 23.40 -45.21 36.78
C GLY A 207 22.96 -44.49 38.04
N HIS A 208 23.86 -43.72 38.68
CA HIS A 208 23.53 -42.98 39.91
C HIS A 208 22.81 -41.69 39.56
N ILE A 209 21.60 -41.83 39.03
CA ILE A 209 20.74 -40.73 38.59
C ILE A 209 20.35 -39.75 39.70
N GLU A 210 20.41 -40.19 40.96
CA GLU A 210 20.05 -39.37 42.11
C GLU A 210 21.00 -38.19 42.26
N THR A 211 22.29 -38.40 41.96
CA THR A 211 23.32 -37.36 42.06
C THR A 211 23.42 -36.47 40.80
N PHE A 212 22.69 -36.78 39.71
CA PHE A 212 22.78 -36.02 38.47
C PHE A 212 22.38 -34.56 38.68
N ASP A 213 23.26 -33.65 38.27
CA ASP A 213 23.01 -32.21 38.38
C ASP A 213 23.97 -31.44 37.44
N LEU A 214 23.85 -30.11 37.39
CA LEU A 214 24.68 -29.27 36.52
C LEU A 214 26.19 -29.46 36.76
N LEU A 215 26.62 -29.49 38.03
CA LEU A 215 28.05 -29.58 38.37
C LEU A 215 28.58 -31.00 38.56
N THR A 216 27.71 -32.00 38.71
CA THR A 216 28.15 -33.38 38.93
C THR A 216 28.26 -34.18 37.63
N LEU A 217 27.48 -33.83 36.61
CA LEU A 217 27.61 -34.43 35.29
C LEU A 217 28.79 -33.73 34.57
N HIS A 218 29.34 -34.39 33.52
CA HIS A 218 30.47 -33.80 32.80
C HIS A 218 29.93 -32.72 31.87
N PRO A 219 30.52 -31.50 31.85
CA PRO A 219 30.00 -30.46 30.95
C PRO A 219 29.98 -30.87 29.48
N ILE A 220 30.97 -31.68 29.03
CA ILE A 220 30.99 -32.16 27.65
C ILE A 220 29.75 -33.02 27.38
N GLU A 221 29.43 -33.92 28.30
CA GLU A 221 28.30 -34.82 28.12
C GLU A 221 26.95 -34.11 28.25
N ILE A 222 26.88 -33.03 29.05
CA ILE A 222 25.63 -32.24 29.14
C ILE A 222 25.33 -31.64 27.76
N ALA A 223 26.34 -31.00 27.15
CA ALA A 223 26.22 -30.41 25.83
C ALA A 223 25.93 -31.45 24.73
N ARG A 224 26.59 -32.62 24.78
CA ARG A 224 26.38 -33.67 23.78
C ARG A 224 24.93 -34.21 23.84
N GLN A 225 24.46 -34.56 25.04
CA GLN A 225 23.12 -35.12 25.22
C GLN A 225 22.02 -34.09 24.95
N LEU A 226 22.27 -32.81 25.29
CA LEU A 226 21.31 -31.76 24.98
C LEU A 226 21.26 -31.50 23.47
N THR A 227 22.39 -31.68 22.77
CA THR A 227 22.44 -31.51 21.32
C THR A 227 21.68 -32.67 20.66
N LEU A 228 21.86 -33.90 21.14
CA LEU A 228 21.12 -35.06 20.64
C LEU A 228 19.61 -34.86 20.84
N LEU A 229 19.22 -34.35 22.02
CA LEU A 229 17.81 -34.10 22.38
C LEU A 229 17.21 -32.99 21.49
N GLU A 230 17.92 -31.87 21.36
CA GLU A 230 17.47 -30.72 20.57
C GLU A 230 17.50 -31.00 19.07
N SER A 231 18.46 -31.83 18.62
CA SER A 231 18.54 -32.25 17.22
C SER A 231 17.30 -33.07 16.88
N ASP A 232 16.92 -34.01 17.76
CA ASP A 232 15.72 -34.81 17.55
C ASP A 232 14.47 -33.94 17.58
N LEU A 233 14.38 -32.98 18.53
CA LEU A 233 13.23 -32.10 18.60
C LEU A 233 13.13 -31.21 17.36
N TYR A 234 14.26 -30.70 16.87
CA TYR A 234 14.31 -29.87 15.68
C TYR A 234 13.85 -30.65 14.43
N ARG A 235 14.37 -31.87 14.24
CA ARG A 235 14.02 -32.70 13.09
C ARG A 235 12.54 -33.12 13.06
N ALA A 236 11.87 -33.17 14.21
CA ALA A 236 10.47 -33.57 14.30
C ALA A 236 9.46 -32.48 13.94
N VAL A 237 9.84 -31.18 13.95
CA VAL A 237 8.88 -30.13 13.67
C VAL A 237 8.46 -30.16 12.20
N GLN A 238 7.16 -30.28 11.93
CA GLN A 238 6.63 -30.28 10.57
C GLN A 238 6.22 -28.85 10.20
N PRO A 239 6.44 -28.41 8.94
CA PRO A 239 6.10 -27.02 8.56
C PRO A 239 4.69 -26.50 8.91
N SER A 240 3.64 -27.33 8.74
CA SER A 240 2.25 -26.89 9.01
C SER A 240 2.00 -26.53 10.48
N GLU A 241 2.82 -27.06 11.40
CA GLU A 241 2.76 -26.72 12.82
C GLU A 241 3.10 -25.23 13.06
N LEU A 242 3.78 -24.58 12.11
CA LEU A 242 4.21 -23.19 12.15
C LEU A 242 3.35 -22.25 11.30
N VAL A 243 2.37 -22.75 10.54
CA VAL A 243 1.55 -21.91 9.68
C VAL A 243 0.33 -21.37 10.45
N GLY A 244 -0.09 -20.16 10.11
CA GLY A 244 -1.25 -19.51 10.72
C GLY A 244 -1.22 -19.37 12.22
N SER A 245 -0.02 -19.36 12.83
CA SER A 245 0.19 -19.26 14.27
C SER A 245 -0.64 -20.27 15.07
N VAL A 246 -0.81 -21.50 14.53
CA VAL A 246 -1.63 -22.52 15.19
C VAL A 246 -1.09 -22.98 16.53
N TRP A 247 0.21 -22.78 16.80
CA TRP A 247 0.77 -23.14 18.11
C TRP A 247 0.32 -22.14 19.21
N THR A 248 -0.32 -21.00 18.85
CA THR A 248 -0.83 -20.00 19.77
C THR A 248 -2.38 -19.97 19.80
N LYS A 249 -3.07 -20.98 19.22
CA LYS A 249 -4.54 -21.04 19.16
C LYS A 249 -5.09 -22.29 19.93
N GLU A 250 -6.43 -22.53 19.90
CA GLU A 250 -7.04 -23.57 20.72
C GLU A 250 -6.61 -25.04 20.46
N ASP A 251 -6.51 -25.48 19.19
CA ASP A 251 -6.12 -26.86 18.90
C ASP A 251 -4.59 -27.00 18.76
N LYS A 252 -3.84 -26.19 19.54
CA LYS A 252 -2.37 -26.17 19.51
C LYS A 252 -1.74 -27.54 19.82
N GLU A 253 -2.28 -28.27 20.82
CA GLU A 253 -1.73 -29.56 21.22
C GLU A 253 -1.83 -30.61 20.13
N ILE A 254 -2.85 -30.53 19.27
CA ILE A 254 -3.02 -31.51 18.20
C ILE A 254 -2.29 -31.07 16.91
N ASN A 255 -2.39 -29.77 16.56
CA ASN A 255 -1.80 -29.22 15.33
C ASN A 255 -0.31 -28.93 15.39
N SER A 256 0.25 -28.67 16.58
CA SER A 256 1.66 -28.32 16.73
C SER A 256 2.33 -29.09 17.89
N PRO A 257 2.20 -30.43 17.95
CA PRO A 257 2.81 -31.18 19.08
C PRO A 257 4.33 -31.12 19.18
N ASN A 258 5.01 -31.19 18.04
CA ASN A 258 6.46 -31.19 18.00
C ASN A 258 7.04 -29.79 18.19
N LEU A 259 6.37 -28.77 17.66
CA LEU A 259 6.80 -27.39 17.83
C LEU A 259 6.66 -27.00 19.31
N LEU A 260 5.52 -27.30 19.93
CA LEU A 260 5.31 -26.98 21.34
C LEU A 260 6.31 -27.71 22.25
N LYS A 261 6.74 -28.91 21.85
CA LYS A 261 7.72 -29.68 22.60
C LYS A 261 9.10 -29.00 22.51
N MET A 262 9.44 -28.42 21.32
CA MET A 262 10.69 -27.70 21.12
C MET A 262 10.70 -26.42 21.98
N ILE A 263 9.59 -25.67 21.95
CA ILE A 263 9.47 -24.44 22.72
C ILE A 263 9.57 -24.71 24.24
N ARG A 264 8.87 -25.74 24.73
CA ARG A 264 8.87 -26.04 26.16
C ARG A 264 10.24 -26.52 26.65
N HIS A 265 10.99 -27.25 25.82
CA HIS A 265 12.35 -27.67 26.19
C HIS A 265 13.23 -26.42 26.33
N THR A 266 13.13 -25.50 25.36
CA THR A 266 13.90 -24.26 25.35
C THR A 266 13.59 -23.44 26.62
N THR A 267 12.30 -23.34 26.97
CA THR A 267 11.86 -22.62 28.15
C THR A 267 12.41 -23.29 29.44
N ASN A 268 12.22 -24.60 29.56
CA ASN A 268 12.63 -25.33 30.75
C ASN A 268 14.16 -25.34 30.93
N LEU A 269 14.93 -25.46 29.85
CA LEU A 269 16.39 -25.49 29.96
C LEU A 269 16.89 -24.11 30.36
N THR A 270 16.37 -23.07 29.70
CA THR A 270 16.76 -21.67 29.96
C THR A 270 16.45 -21.32 31.40
N LEU A 271 15.24 -21.66 31.88
CA LEU A 271 14.85 -21.37 33.25
C LEU A 271 15.63 -22.24 34.25
N TRP A 272 16.00 -23.47 33.86
CA TRP A 272 16.79 -24.35 34.71
C TRP A 272 18.17 -23.76 34.90
N PHE A 273 18.80 -23.22 33.83
CA PHE A 273 20.12 -22.58 33.96
C PHE A 273 20.02 -21.39 34.94
N GLU A 274 18.98 -20.55 34.79
CA GLU A 274 18.78 -19.40 35.68
C GLU A 274 18.58 -19.84 37.14
N LYS A 275 17.79 -20.92 37.36
CA LYS A 275 17.52 -21.50 38.68
C LYS A 275 18.83 -22.00 39.31
N CYS A 276 19.68 -22.71 38.54
CA CYS A 276 21.00 -23.17 39.00
C CYS A 276 21.85 -22.01 39.48
N ILE A 277 21.77 -20.88 38.76
CA ILE A 277 22.55 -19.69 39.10
C ILE A 277 22.02 -18.95 40.35
N VAL A 278 20.77 -18.42 40.31
CA VAL A 278 20.25 -17.60 41.41
C VAL A 278 20.02 -18.36 42.72
N GLU A 279 19.71 -19.66 42.66
CA GLU A 279 19.56 -20.45 43.88
C GLU A 279 20.92 -20.83 44.50
N THR A 280 22.04 -20.56 43.81
CA THR A 280 23.36 -20.81 44.38
C THR A 280 23.70 -19.46 45.01
N GLU A 281 23.41 -19.35 46.29
CA GLU A 281 23.53 -18.11 47.03
C GLU A 281 24.97 -17.72 47.37
N ASN A 282 25.86 -18.70 47.64
CA ASN A 282 27.27 -18.39 47.91
C ASN A 282 27.89 -17.85 46.60
N LEU A 283 28.54 -16.69 46.68
CA LEU A 283 29.10 -16.03 45.49
C LEU A 283 30.09 -16.92 44.73
N GLU A 284 31.08 -17.48 45.44
CA GLU A 284 32.11 -18.34 44.84
C GLU A 284 31.49 -19.56 44.17
N GLU A 285 30.48 -20.16 44.80
CA GLU A 285 29.81 -21.31 44.21
C GLU A 285 29.02 -20.91 42.96
N ARG A 286 28.41 -19.70 42.97
CA ARG A 286 27.64 -19.19 41.83
C ARG A 286 28.56 -18.85 40.65
N VAL A 287 29.79 -18.40 40.92
CA VAL A 287 30.78 -18.15 39.87
C VAL A 287 31.09 -19.49 39.16
N ALA A 288 31.24 -20.58 39.93
CA ALA A 288 31.51 -21.91 39.37
C ALA A 288 30.34 -22.38 38.51
N VAL A 289 29.11 -22.14 38.97
CA VAL A 289 27.89 -22.49 38.23
C VAL A 289 27.87 -21.74 36.88
N VAL A 290 28.03 -20.40 36.90
CA VAL A 290 27.99 -19.60 35.67
C VAL A 290 29.13 -20.03 34.73
N SER A 291 30.32 -20.22 35.29
CA SER A 291 31.50 -20.63 34.51
C SER A 291 31.28 -21.99 33.84
N ARG A 292 30.52 -22.90 34.49
CA ARG A 292 30.24 -24.22 33.94
C ARG A 292 29.24 -24.15 32.80
N ILE A 293 28.26 -23.25 32.91
CA ILE A 293 27.28 -23.05 31.84
C ILE A 293 27.99 -22.43 30.61
N ILE A 294 28.96 -21.53 30.82
CA ILE A 294 29.75 -20.96 29.71
C ILE A 294 30.53 -22.09 28.99
N GLU A 295 31.11 -23.03 29.75
CA GLU A 295 31.82 -24.18 29.17
C GLU A 295 30.87 -25.07 28.38
N ILE A 296 29.62 -25.22 28.83
CA ILE A 296 28.59 -25.98 28.12
C ILE A 296 28.32 -25.27 26.77
N LEU A 297 28.24 -23.92 26.78
CA LEU A 297 28.09 -23.13 25.56
C LEU A 297 29.27 -23.37 24.62
N GLN A 298 30.50 -23.47 25.17
CA GLN A 298 31.69 -23.74 24.35
C GLN A 298 31.56 -25.07 23.61
N VAL A 299 31.10 -26.12 24.30
CA VAL A 299 30.94 -27.43 23.67
C VAL A 299 29.77 -27.38 22.69
N PHE A 300 28.70 -26.60 22.97
CA PHE A 300 27.61 -26.41 22.02
C PHE A 300 28.16 -25.75 20.74
N GLN A 301 29.09 -24.79 20.87
CA GLN A 301 29.71 -24.14 19.72
C GLN A 301 30.51 -25.15 18.90
N GLU A 302 31.28 -26.02 19.58
CA GLU A 302 32.07 -27.07 18.92
C GLU A 302 31.14 -27.98 18.11
N LEU A 303 29.96 -28.31 18.65
CA LEU A 303 28.97 -29.17 17.99
C LEU A 303 28.05 -28.42 17.02
N ASN A 304 28.29 -27.13 16.74
CA ASN A 304 27.42 -26.31 15.89
C ASN A 304 25.96 -26.34 16.35
N ASN A 305 25.76 -26.41 17.68
CA ASN A 305 24.43 -26.37 18.25
C ASN A 305 24.14 -24.92 18.61
N PHE A 306 23.74 -24.15 17.60
CA PHE A 306 23.43 -22.74 17.77
C PHE A 306 22.20 -22.52 18.65
N ASN A 307 21.26 -23.48 18.64
CA ASN A 307 20.07 -23.40 19.49
C ASN A 307 20.49 -23.42 20.96
N GLY A 308 21.43 -24.29 21.30
CA GLY A 308 21.98 -24.41 22.65
C GLY A 308 22.84 -23.23 23.04
N VAL A 309 23.61 -22.67 22.08
CA VAL A 309 24.44 -21.49 22.37
C VAL A 309 23.50 -20.31 22.78
N LEU A 310 22.42 -20.11 22.02
CA LEU A 310 21.49 -19.03 22.28
C LEU A 310 20.49 -19.31 23.44
N GLU A 311 20.37 -20.56 23.89
CA GLU A 311 19.63 -20.88 25.12
C GLU A 311 20.48 -20.41 26.34
N VAL A 312 21.82 -20.60 26.29
CA VAL A 312 22.73 -20.15 27.33
C VAL A 312 22.75 -18.61 27.32
N VAL A 313 22.83 -17.99 26.13
CA VAL A 313 22.83 -16.53 26.01
C VAL A 313 21.53 -15.96 26.61
N SER A 314 20.37 -16.57 26.32
CA SER A 314 19.09 -16.10 26.89
C SER A 314 19.10 -16.15 28.43
N ALA A 315 19.63 -17.24 29.02
CA ALA A 315 19.69 -17.36 30.47
C ALA A 315 20.60 -16.31 31.10
N MET A 316 21.74 -16.01 30.45
CA MET A 316 22.68 -15.01 30.97
C MET A 316 22.18 -13.58 30.79
N ASN A 317 21.36 -13.33 29.77
CA ASN A 317 20.74 -12.03 29.51
C ASN A 317 19.44 -11.79 30.27
N SER A 318 18.88 -12.85 30.88
CA SER A 318 17.64 -12.80 31.66
C SER A 318 17.74 -11.78 32.79
N SER A 319 16.59 -11.25 33.20
CA SER A 319 16.54 -10.24 34.24
C SER A 319 17.26 -10.66 35.55
N PRO A 320 17.08 -11.91 36.06
CA PRO A 320 17.77 -12.29 37.31
C PRO A 320 19.28 -12.49 37.21
N VAL A 321 19.75 -12.99 36.06
CA VAL A 321 21.17 -13.30 35.91
C VAL A 321 22.01 -12.13 35.42
N TYR A 322 21.53 -11.38 34.42
CA TYR A 322 22.31 -10.30 33.83
C TYR A 322 22.73 -9.21 34.84
N ARG A 323 21.93 -8.99 35.87
CA ARG A 323 22.22 -7.99 36.90
C ARG A 323 23.24 -8.43 37.98
N LEU A 324 23.77 -9.67 37.92
CA LEU A 324 24.73 -10.19 38.90
C LEU A 324 26.17 -9.76 38.61
N ASP A 325 26.40 -8.46 38.81
CA ASP A 325 27.68 -7.79 38.57
C ASP A 325 28.85 -8.43 39.33
N HIS A 326 28.63 -8.84 40.59
CA HIS A 326 29.65 -9.46 41.43
C HIS A 326 30.04 -10.85 40.92
N THR A 327 29.09 -11.58 40.30
CA THR A 327 29.37 -12.92 39.80
C THR A 327 30.18 -12.82 38.50
N PHE A 328 29.71 -12.00 37.55
CA PHE A 328 30.42 -11.84 36.28
C PHE A 328 31.79 -11.17 36.45
N GLU A 329 31.97 -10.36 37.52
CA GLU A 329 33.25 -9.75 37.84
C GLU A 329 34.34 -10.82 38.01
N GLN A 330 34.00 -11.99 38.60
CA GLN A 330 34.96 -13.08 38.82
C GLN A 330 35.03 -14.11 37.68
N ILE A 331 34.28 -13.92 36.59
CA ILE A 331 34.36 -14.84 35.45
C ILE A 331 35.62 -14.51 34.63
N PRO A 332 36.52 -15.48 34.35
CA PRO A 332 37.72 -15.13 33.57
C PRO A 332 37.43 -14.44 32.24
N SER A 333 38.29 -13.48 31.86
CA SER A 333 38.14 -12.69 30.63
C SER A 333 37.88 -13.53 29.38
N ARG A 334 38.52 -14.71 29.28
CA ARG A 334 38.36 -15.61 28.12
C ARG A 334 36.92 -16.11 28.01
N GLN A 335 36.32 -16.50 29.14
CA GLN A 335 34.93 -16.96 29.17
C GLN A 335 33.95 -15.81 28.92
N LYS A 336 34.24 -14.63 29.47
CA LYS A 336 33.39 -13.46 29.26
C LYS A 336 33.40 -13.07 27.77
N LYS A 337 34.58 -13.17 27.10
CA LYS A 337 34.72 -12.89 25.66
C LYS A 337 33.91 -13.91 24.84
N ILE A 338 33.95 -15.19 25.22
CA ILE A 338 33.18 -16.25 24.56
C ILE A 338 31.67 -15.92 24.66
N LEU A 339 31.23 -15.47 25.83
CA LEU A 339 29.84 -15.11 26.07
C LEU A 339 29.42 -13.86 25.29
N GLU A 340 30.30 -12.85 25.21
CA GLU A 340 30.01 -11.63 24.46
C GLU A 340 29.89 -11.90 22.96
N GLU A 341 30.77 -12.74 22.39
CA GLU A 341 30.69 -13.07 20.97
C GLU A 341 29.45 -13.91 20.64
N ALA A 342 29.03 -14.77 21.59
CA ALA A 342 27.81 -15.57 21.41
C ALA A 342 26.59 -14.64 21.36
N HIS A 343 26.56 -13.59 22.20
CA HIS A 343 25.49 -12.61 22.21
C HIS A 343 25.49 -11.79 20.92
N GLU A 344 26.68 -11.42 20.43
CA GLU A 344 26.81 -10.63 19.20
C GLU A 344 26.31 -11.41 17.95
N LEU A 345 26.15 -12.74 18.04
CA LEU A 345 25.51 -13.53 16.98
C LEU A 345 24.06 -13.02 16.75
N SER A 346 23.38 -12.51 17.81
CA SER A 346 22.00 -12.04 17.76
C SER A 346 21.84 -10.58 17.33
N GLU A 347 22.88 -9.75 17.47
CA GLU A 347 22.78 -8.32 17.12
C GLU A 347 22.57 -8.11 15.62
N ASP A 348 22.00 -6.95 15.25
CA ASP A 348 21.73 -6.58 13.85
C ASP A 348 20.84 -7.63 13.16
N HIS A 349 19.77 -8.06 13.84
CA HIS A 349 18.83 -9.06 13.33
C HIS A 349 19.51 -10.37 12.97
N TYR A 350 20.39 -10.85 13.87
CA TYR A 350 21.10 -12.12 13.73
C TYR A 350 22.02 -12.17 12.49
N LYS A 351 22.67 -11.04 12.15
CA LYS A 351 23.58 -10.94 11.00
C LYS A 351 24.77 -11.92 11.08
N LYS A 352 25.44 -11.97 12.23
CA LYS A 352 26.60 -12.84 12.40
C LYS A 352 26.19 -14.31 12.55
N TYR A 353 25.01 -14.57 13.16
CA TYR A 353 24.48 -15.93 13.26
C TYR A 353 24.24 -16.50 11.84
N LEU A 354 23.61 -15.71 10.95
CA LEU A 354 23.31 -16.19 9.60
C LEU A 354 24.59 -16.47 8.79
N ALA A 355 25.67 -15.70 9.01
CA ALA A 355 26.93 -15.96 8.33
C ALA A 355 27.56 -17.26 8.87
N LYS A 356 27.53 -17.46 10.19
CA LYS A 356 28.08 -18.67 10.80
C LYS A 356 27.31 -19.91 10.33
N LEU A 357 25.98 -19.84 10.31
CA LEU A 357 25.14 -20.96 9.88
C LEU A 357 25.45 -21.35 8.42
N ARG A 358 25.59 -20.36 7.54
CA ARG A 358 25.89 -20.59 6.12
C ARG A 358 27.27 -21.22 5.87
N SER A 359 28.29 -20.86 6.67
CA SER A 359 29.65 -21.34 6.45
C SER A 359 30.03 -22.65 7.16
N ILE A 360 29.32 -23.04 8.23
CA ILE A 360 29.69 -24.26 8.98
C ILE A 360 29.41 -25.56 8.20
N ASN A 361 30.14 -26.62 8.58
CA ASN A 361 29.99 -27.95 8.03
C ASN A 361 29.02 -28.74 8.89
N PRO A 362 28.08 -29.51 8.30
CA PRO A 362 27.15 -30.28 9.13
C PRO A 362 27.83 -31.38 9.96
N PRO A 363 27.19 -31.88 11.03
CA PRO A 363 25.84 -31.55 11.48
C PRO A 363 25.74 -30.31 12.36
N CYS A 364 24.54 -29.75 12.42
CA CYS A 364 24.25 -28.56 13.19
C CYS A 364 22.81 -28.58 13.72
N VAL A 365 22.57 -27.79 14.78
CA VAL A 365 21.24 -27.59 15.32
C VAL A 365 21.02 -26.07 15.19
N PRO A 366 20.29 -25.60 14.16
CA PRO A 366 20.08 -24.15 14.02
C PRO A 366 19.26 -23.57 15.16
N PHE A 367 19.39 -22.26 15.35
CA PHE A 367 18.64 -21.53 16.36
C PHE A 367 17.20 -21.48 15.88
N PHE A 368 16.31 -22.12 16.63
CA PHE A 368 14.92 -22.23 16.22
C PHE A 368 14.09 -20.96 16.45
N GLY A 369 14.39 -20.21 17.50
CA GLY A 369 13.65 -19.00 17.83
C GLY A 369 13.55 -17.94 16.74
N ILE A 370 14.59 -17.80 15.90
CA ILE A 370 14.58 -16.81 14.83
C ILE A 370 13.47 -17.13 13.80
N TYR A 371 13.21 -18.42 13.54
CA TYR A 371 12.15 -18.82 12.61
C TYR A 371 10.79 -18.41 13.17
N LEU A 372 10.55 -18.64 14.48
CA LEU A 372 9.30 -18.24 15.13
C LEU A 372 9.12 -16.72 15.03
N THR A 373 10.18 -15.96 15.32
CA THR A 373 10.16 -14.50 15.24
C THR A 373 9.80 -14.02 13.82
N ASN A 374 10.42 -14.61 12.80
CA ASN A 374 10.17 -14.22 11.42
C ASN A 374 8.78 -14.63 10.93
N ILE A 375 8.32 -15.81 11.32
CA ILE A 375 6.99 -16.29 10.95
C ILE A 375 5.92 -15.39 11.62
N LEU A 376 6.08 -15.06 12.92
CA LEU A 376 5.10 -14.20 13.59
C LEU A 376 5.06 -12.82 12.96
N LYS A 377 6.22 -12.29 12.55
CA LYS A 377 6.32 -11.00 11.86
C LYS A 377 5.50 -11.03 10.56
N THR A 378 5.61 -12.12 9.80
CA THR A 378 4.88 -12.29 8.55
C THR A 378 3.36 -12.48 8.79
N GLU A 379 2.98 -13.20 9.85
CA GLU A 379 1.58 -13.45 10.17
C GLU A 379 0.85 -12.14 10.57
N GLU A 380 1.48 -11.35 11.43
CA GLU A 380 0.90 -10.09 11.91
C GLU A 380 1.02 -8.96 10.89
N GLY A 381 2.04 -9.01 10.03
CA GLY A 381 2.32 -7.96 9.07
C GLY A 381 1.60 -8.02 7.73
N ASN A 382 0.94 -9.15 7.42
CA ASN A 382 0.23 -9.33 6.17
C ASN A 382 -1.23 -9.74 6.43
N PRO A 383 -2.17 -9.30 5.59
CA PRO A 383 -3.58 -9.65 5.83
C PRO A 383 -3.94 -11.06 5.41
N GLU A 384 -4.91 -11.65 6.09
CA GLU A 384 -5.40 -12.99 5.77
C GLU A 384 -6.06 -13.01 4.40
N VAL A 385 -6.75 -11.92 4.02
CA VAL A 385 -7.43 -11.83 2.72
C VAL A 385 -7.10 -10.51 2.00
N LEU A 386 -7.33 -10.50 0.69
CA LEU A 386 -7.17 -9.32 -0.17
C LEU A 386 -8.53 -9.03 -0.78
N LYS A 387 -8.95 -7.77 -0.78
CA LYS A 387 -10.23 -7.37 -1.32
C LYS A 387 -10.04 -6.81 -2.74
N ARG A 388 -10.84 -7.33 -3.68
CA ARG A 388 -10.81 -6.88 -5.06
C ARG A 388 -12.26 -6.78 -5.53
N HIS A 389 -12.73 -5.56 -5.78
CA HIS A 389 -14.10 -5.29 -6.22
C HIS A 389 -15.14 -5.76 -5.19
N GLY A 390 -14.85 -5.53 -3.91
CA GLY A 390 -15.74 -5.89 -2.81
C GLY A 390 -15.84 -7.35 -2.49
N LYS A 391 -14.95 -8.19 -3.05
CA LYS A 391 -14.94 -9.64 -2.80
C LYS A 391 -13.66 -10.01 -2.07
N GLU A 392 -13.74 -10.96 -1.11
CA GLU A 392 -12.58 -11.42 -0.33
C GLU A 392 -11.88 -12.59 -1.02
N LEU A 393 -10.55 -12.49 -1.17
CA LEU A 393 -9.71 -13.54 -1.76
C LEU A 393 -8.68 -13.94 -0.74
N ILE A 394 -8.45 -15.24 -0.55
CA ILE A 394 -7.43 -15.71 0.39
C ILE A 394 -6.05 -15.26 -0.07
N ASN A 395 -5.31 -14.58 0.80
CA ASN A 395 -3.98 -14.09 0.47
C ASN A 395 -3.02 -15.26 0.49
N PHE A 396 -2.84 -15.91 -0.66
CA PHE A 396 -1.97 -17.08 -0.75
C PHE A 396 -0.49 -16.70 -0.65
N SER A 397 -0.10 -15.53 -1.16
CA SER A 397 1.30 -15.08 -1.07
C SER A 397 1.78 -14.95 0.39
N LYS A 398 0.87 -14.65 1.33
CA LYS A 398 1.20 -14.59 2.76
C LYS A 398 1.60 -16.00 3.23
N ARG A 399 0.81 -17.02 2.85
CA ARG A 399 1.07 -18.41 3.20
C ARG A 399 2.36 -18.89 2.55
N ARG A 400 2.62 -18.47 1.30
CA ARG A 400 3.84 -18.84 0.59
C ARG A 400 5.07 -18.26 1.28
N LYS A 401 4.98 -17.04 1.82
CA LYS A 401 6.11 -16.43 2.52
C LYS A 401 6.43 -17.22 3.80
N VAL A 402 5.40 -17.70 4.51
CA VAL A 402 5.60 -18.52 5.71
C VAL A 402 6.19 -19.87 5.32
N ALA A 403 5.69 -20.46 4.22
CA ALA A 403 6.17 -21.76 3.72
C ALA A 403 7.65 -21.72 3.36
N GLU A 404 8.14 -20.56 2.86
CA GLU A 404 9.54 -20.43 2.50
C GLU A 404 10.44 -20.42 3.74
N ILE A 405 9.97 -19.84 4.86
CA ILE A 405 10.73 -19.85 6.12
C ILE A 405 10.78 -21.29 6.64
N THR A 406 9.66 -22.04 6.57
CA THR A 406 9.65 -23.44 7.00
C THR A 406 10.51 -24.33 6.09
N GLY A 407 10.71 -23.92 4.83
CA GLY A 407 11.58 -24.62 3.89
C GLY A 407 13.03 -24.52 4.33
N GLU A 408 13.41 -23.36 4.91
CA GLU A 408 14.76 -23.15 5.45
C GLU A 408 15.00 -24.06 6.67
N ILE A 409 13.96 -24.29 7.47
CA ILE A 409 14.02 -25.17 8.64
C ILE A 409 14.31 -26.60 8.17
N GLN A 410 13.60 -27.05 7.14
CA GLN A 410 13.75 -28.40 6.59
C GLN A 410 15.14 -28.69 6.01
N GLN A 411 15.90 -27.64 5.63
CA GLN A 411 17.26 -27.82 5.08
C GLN A 411 18.21 -28.48 6.08
N TYR A 412 18.03 -28.22 7.38
CA TYR A 412 18.90 -28.75 8.42
C TYR A 412 18.25 -29.89 9.24
N GLN A 413 17.19 -30.54 8.71
CA GLN A 413 16.53 -31.63 9.44
C GLN A 413 17.07 -33.03 9.08
N ASN A 414 18.16 -33.13 8.29
CA ASN A 414 18.75 -34.41 7.94
C ASN A 414 20.24 -34.36 8.25
N GLN A 415 20.56 -34.04 9.51
CA GLN A 415 21.94 -33.87 9.97
C GLN A 415 22.13 -34.55 11.33
N PRO A 416 22.16 -35.90 11.35
CA PRO A 416 22.37 -36.60 12.62
C PRO A 416 23.81 -36.48 13.12
N TYR A 417 23.98 -36.59 14.43
CA TYR A 417 25.28 -36.50 15.10
C TYR A 417 25.84 -37.87 15.42
N CYS A 418 27.17 -38.02 15.33
CA CYS A 418 27.85 -39.25 15.67
C CYS A 418 28.17 -39.20 17.17
N LEU A 419 27.13 -39.23 18.00
CA LEU A 419 27.25 -39.19 19.46
C LEU A 419 26.37 -40.29 20.05
N ARG A 420 26.86 -40.97 21.07
CA ARG A 420 26.14 -42.05 21.71
C ARG A 420 25.15 -41.47 22.72
N VAL A 421 23.91 -41.95 22.68
CA VAL A 421 22.88 -41.55 23.62
C VAL A 421 23.18 -42.22 24.95
N GLU A 422 23.01 -41.46 26.04
CA GLU A 422 23.14 -41.96 27.40
C GLU A 422 21.69 -41.79 27.90
N SER A 423 20.98 -42.92 28.03
CA SER A 423 19.55 -42.91 28.37
C SER A 423 19.22 -42.16 29.65
N ASP A 424 20.01 -42.33 30.71
CA ASP A 424 19.76 -41.67 31.99
C ASP A 424 19.96 -40.15 31.91
N ILE A 425 21.01 -39.70 31.22
CA ILE A 425 21.26 -38.26 31.06
C ILE A 425 20.17 -37.67 30.15
N LYS A 426 19.76 -38.39 29.09
CA LYS A 426 18.68 -37.98 28.20
C LYS A 426 17.37 -37.77 29.00
N ARG A 427 16.99 -38.76 29.85
CA ARG A 427 15.78 -38.65 30.67
C ARG A 427 15.85 -37.48 31.65
N PHE A 428 17.03 -37.26 32.22
CA PHE A 428 17.25 -36.14 33.13
C PHE A 428 16.94 -34.79 32.45
N PHE A 429 17.34 -34.62 31.18
CA PHE A 429 17.08 -33.38 30.45
C PHE A 429 15.67 -33.32 29.83
N GLU A 430 15.07 -34.47 29.49
CA GLU A 430 13.69 -34.49 28.99
C GLU A 430 12.69 -34.18 30.12
N ASN A 431 13.04 -34.53 31.37
CA ASN A 431 12.18 -34.35 32.54
C ASN A 431 12.53 -33.13 33.37
N LEU A 432 13.27 -32.14 32.83
CA LEU A 432 13.56 -30.91 33.57
C LEU A 432 12.26 -30.19 33.89
N ASN A 433 12.11 -29.77 35.14
CA ASN A 433 10.91 -29.08 35.58
C ASN A 433 11.30 -28.02 36.61
N PRO A 434 12.02 -26.96 36.18
CA PRO A 434 12.46 -25.93 37.12
C PRO A 434 11.32 -25.19 37.83
N MET A 435 10.20 -24.95 37.13
CA MET A 435 9.06 -24.25 37.71
C MET A 435 8.32 -25.08 38.77
N GLY A 436 8.34 -26.40 38.63
CA GLY A 436 7.62 -27.29 39.52
C GLY A 436 6.12 -27.13 39.31
N ASN A 437 5.41 -26.70 40.36
CA ASN A 437 3.98 -26.43 40.25
C ASN A 437 3.68 -24.95 39.92
N SER A 438 4.70 -24.07 39.90
CA SER A 438 4.52 -22.65 39.61
C SER A 438 4.27 -22.38 38.12
N MET A 439 3.64 -21.23 37.82
CA MET A 439 3.48 -20.78 36.44
C MET A 439 4.76 -20.02 36.06
N GLU A 440 4.98 -19.79 34.76
CA GLU A 440 6.17 -19.12 34.28
C GLU A 440 6.36 -17.70 34.83
N LYS A 441 5.32 -16.85 34.77
CA LYS A 441 5.41 -15.47 35.27
C LYS A 441 5.78 -15.43 36.76
N GLU A 442 5.11 -16.23 37.59
CA GLU A 442 5.39 -16.26 39.02
C GLU A 442 6.77 -16.87 39.29
N PHE A 443 7.21 -17.84 38.47
CA PHE A 443 8.53 -18.44 38.61
C PHE A 443 9.64 -17.45 38.26
N THR A 444 9.44 -16.62 37.22
CA THR A 444 10.43 -15.61 36.85
C THR A 444 10.46 -14.48 37.90
N ASP A 445 9.29 -14.16 38.52
CA ASP A 445 9.26 -13.18 39.61
C ASP A 445 10.08 -13.71 40.79
N TYR A 446 9.94 -15.03 41.09
CA TYR A 446 10.70 -15.72 42.12
C TYR A 446 12.22 -15.62 41.82
N LEU A 447 12.66 -15.96 40.59
CA LEU A 447 14.07 -15.91 40.23
C LEU A 447 14.66 -14.51 40.41
N PHE A 448 13.89 -13.47 40.05
CA PHE A 448 14.33 -12.09 40.17
C PHE A 448 14.45 -11.64 41.62
N ASN A 449 13.51 -12.05 42.48
CA ASN A 449 13.58 -11.74 43.90
C ASN A 449 14.74 -12.50 44.55
N LYS A 450 15.04 -13.74 44.09
CA LYS A 450 16.18 -14.49 44.56
C LYS A 450 17.47 -13.76 44.16
N SER A 451 17.52 -13.25 42.92
CA SER A 451 18.64 -12.46 42.41
C SER A 451 18.87 -11.22 43.29
N LEU A 452 17.80 -10.47 43.63
CA LEU A 452 17.91 -9.30 44.50
C LEU A 452 18.40 -9.68 45.90
N GLU A 453 18.07 -10.89 46.37
CA GLU A 453 18.49 -11.36 47.71
C GLU A 453 20.00 -11.67 47.75
N ILE A 454 20.50 -12.43 46.77
CA ILE A 454 21.90 -12.86 46.73
C ILE A 454 22.87 -11.72 46.37
N GLU A 455 22.42 -10.73 45.59
CA GLU A 455 23.20 -9.55 45.24
C GLU A 455 22.27 -8.33 45.30
N PRO A 456 22.05 -7.77 46.50
CA PRO A 456 21.14 -6.62 46.61
C PRO A 456 21.59 -5.38 45.84
N ARG A 457 20.61 -4.53 45.47
CA ARG A 457 20.87 -3.31 44.69
C ARG A 457 21.87 -2.40 45.41
N ASN A 458 22.75 -1.76 44.60
CA ASN A 458 23.94 -0.98 44.97
C ASN A 458 23.95 -0.28 46.37
N PRO A 459 22.94 0.52 46.78
CA PRO A 459 23.06 1.17 48.12
C PRO A 459 23.23 0.15 49.25
N LYS A 460 22.54 -1.00 49.15
CA LYS A 460 22.55 -2.05 50.17
C LYS A 460 23.85 -2.87 50.06
N PRO A 461 24.64 -3.13 51.14
CA PRO A 461 25.87 -3.91 50.98
C PRO A 461 25.67 -5.37 50.58
N LEU A 462 26.75 -6.04 50.13
CA LEU A 462 26.69 -7.45 49.70
C LEU A 462 26.84 -8.43 50.88
N PRO A 463 25.80 -9.22 51.23
CA PRO A 463 25.96 -10.19 52.31
C PRO A 463 26.67 -11.48 51.88
N ARG A 464 27.18 -12.22 52.87
CA ARG A 464 27.82 -13.51 52.64
C ARG A 464 26.76 -14.59 52.82
N PHE A 465 26.89 -15.70 52.08
CA PHE A 465 25.95 -16.81 52.17
C PHE A 465 26.71 -18.12 52.33
N PRO A 466 26.12 -19.11 53.02
CA PRO A 466 26.84 -20.38 53.22
C PRO A 466 26.88 -21.26 51.97
N LYS A 467 27.88 -22.14 51.89
CA LYS A 467 28.01 -23.05 50.77
C LYS A 467 26.92 -24.13 50.82
N LYS A 468 26.51 -24.63 49.64
CA LYS A 468 25.50 -25.67 49.47
C LYS A 468 26.05 -26.95 48.79
N TYR A 469 27.24 -26.89 48.16
CA TYR A 469 27.81 -28.03 47.45
C TYR A 469 28.94 -28.70 48.24
N SER A 470 28.77 -29.99 48.58
CA SER A 470 29.76 -30.77 49.33
C SER A 470 30.92 -31.23 48.43
N TYR A 471 30.60 -31.59 47.18
CA TYR A 471 31.57 -32.06 46.20
C TYR A 471 32.46 -30.93 45.64
N PRO A 472 33.66 -31.25 45.10
CA PRO A 472 34.51 -30.18 44.55
C PRO A 472 33.87 -29.42 43.38
N LEU A 473 34.16 -28.12 43.29
CA LEU A 473 33.60 -27.25 42.27
C LEU A 473 34.45 -27.13 41.00
N LYS A 474 35.72 -27.59 41.04
CA LYS A 474 36.61 -27.50 39.89
C LYS A 474 36.04 -28.25 38.69
N SER A 475 36.00 -27.59 37.53
CA SER A 475 35.50 -28.21 36.31
C SER A 475 36.53 -29.16 35.74
N PRO A 476 36.10 -30.28 35.13
CA PRO A 476 37.06 -31.17 34.44
C PRO A 476 37.49 -30.65 33.06
N GLY A 477 37.00 -29.47 32.67
CA GLY A 477 37.34 -28.85 31.40
C GLY A 477 36.47 -29.33 30.25
N VAL A 478 36.70 -28.76 29.06
CA VAL A 478 35.96 -29.10 27.84
C VAL A 478 36.80 -29.91 26.83
N ARG A 479 37.99 -30.43 27.24
CA ARG A 479 38.82 -31.24 26.36
C ARG A 479 38.50 -32.73 26.63
N PRO A 480 38.18 -33.56 25.61
CA PRO A 480 37.86 -34.97 25.89
C PRO A 480 38.98 -35.77 26.56
N SER A 481 38.65 -37.02 26.97
CA SER A 481 39.61 -37.91 27.64
C SER A 481 39.73 -39.23 26.85
N ASN A 482 40.95 -39.79 26.80
CA ASN A 482 41.20 -41.07 26.13
C ASN A 482 42.55 -41.65 26.52
N GLU B 3 -39.80 44.38 -34.38
CA GLU B 3 -39.82 44.29 -35.84
C GLU B 3 -38.41 44.24 -36.40
N GLN B 4 -38.21 43.38 -37.42
CA GLN B 4 -36.91 43.23 -38.08
C GLN B 4 -36.56 44.47 -38.92
N MET B 5 -37.59 45.14 -39.49
CA MET B 5 -37.38 46.33 -40.30
C MET B 5 -36.98 47.55 -39.46
N ARG B 6 -37.34 47.60 -38.17
CA ARG B 6 -36.95 48.68 -37.28
C ARG B 6 -35.47 48.54 -36.86
N LEU B 7 -34.90 47.31 -36.90
CA LEU B 7 -33.48 47.11 -36.58
C LEU B 7 -32.58 47.59 -37.75
N PRO B 8 -31.26 47.81 -37.53
CA PRO B 8 -30.40 48.24 -38.66
C PRO B 8 -30.19 47.15 -39.73
N SER B 9 -29.88 47.58 -40.95
CA SER B 9 -29.65 46.65 -42.07
C SER B 9 -28.33 45.88 -41.93
N ALA B 10 -28.23 44.71 -42.57
CA ALA B 10 -27.03 43.88 -42.54
C ALA B 10 -25.84 44.54 -43.27
N ASP B 11 -26.09 45.44 -44.23
CA ASP B 11 -25.02 46.14 -44.94
C ASP B 11 -24.38 47.28 -44.11
N VAL B 12 -24.98 47.65 -42.95
CA VAL B 12 -24.44 48.69 -42.06
C VAL B 12 -24.20 48.18 -40.62
N TYR B 13 -24.63 46.96 -40.27
CA TYR B 13 -24.47 46.45 -38.89
C TYR B 13 -24.58 44.92 -38.88
N ARG B 14 -23.63 44.22 -38.24
CA ARG B 14 -23.60 42.76 -38.22
C ARG B 14 -24.37 42.06 -37.09
N PHE B 15 -24.76 42.77 -36.03
CA PHE B 15 -25.41 42.16 -34.87
C PHE B 15 -26.93 42.26 -34.86
N ALA B 16 -27.55 42.46 -36.02
CA ALA B 16 -29.01 42.59 -36.12
C ALA B 16 -29.64 41.61 -37.11
N GLU B 17 -28.88 40.62 -37.63
CA GLU B 17 -29.45 39.65 -38.57
C GLU B 17 -30.45 38.74 -37.83
N PRO B 18 -31.54 38.26 -38.49
CA PRO B 18 -32.50 37.42 -37.75
C PRO B 18 -31.92 36.11 -37.21
N ASP B 19 -32.48 35.66 -36.08
CA ASP B 19 -32.09 34.39 -35.49
C ASP B 19 -32.56 33.26 -36.40
N SER B 20 -31.81 32.15 -36.44
CA SER B 20 -32.15 30.96 -37.23
C SER B 20 -31.53 29.70 -36.62
N GLU B 21 -31.98 28.51 -37.03
CA GLU B 21 -31.44 27.25 -36.56
C GLU B 21 -29.97 27.05 -37.00
N GLU B 22 -29.46 27.82 -37.99
CA GLU B 22 -28.08 27.68 -38.45
C GLU B 22 -27.16 28.82 -37.96
N ASN B 23 -27.58 29.61 -36.95
CA ASN B 23 -26.70 30.62 -36.36
C ASN B 23 -26.79 30.68 -34.81
N ILE B 24 -27.87 30.17 -34.20
CA ILE B 24 -27.99 30.12 -32.74
C ILE B 24 -29.04 29.08 -32.33
N ILE B 25 -28.68 28.23 -31.34
CA ILE B 25 -29.58 27.21 -30.80
C ILE B 25 -29.55 27.28 -29.26
N PHE B 26 -30.68 26.91 -28.64
CA PHE B 26 -30.86 27.01 -27.19
C PHE B 26 -31.21 25.67 -26.54
N GLU B 27 -31.00 25.57 -25.21
CA GLU B 27 -31.37 24.39 -24.42
C GLU B 27 -32.87 24.49 -24.08
N GLU B 28 -33.47 23.40 -23.56
CA GLU B 28 -34.89 23.42 -23.17
C GLU B 28 -35.13 24.45 -22.06
N ASN B 29 -36.25 25.18 -22.14
CA ASN B 29 -36.62 26.19 -21.15
C ASN B 29 -38.11 26.02 -20.81
N MET B 30 -38.42 25.75 -19.53
CA MET B 30 -39.81 25.52 -19.10
C MET B 30 -39.93 25.57 -17.57
N ALA B 34 -40.64 34.91 -17.82
CA ALA B 34 -40.74 33.48 -17.52
C ALA B 34 -39.37 32.87 -17.15
N GLY B 35 -38.32 33.23 -17.89
CA GLY B 35 -36.98 32.70 -17.65
C GLY B 35 -36.06 32.96 -18.83
N ILE B 36 -34.83 33.37 -18.55
CA ILE B 36 -33.85 33.67 -19.60
C ILE B 36 -33.46 32.37 -20.30
N PRO B 37 -33.56 32.27 -21.64
CA PRO B 37 -33.15 31.02 -22.30
C PRO B 37 -31.64 30.80 -22.19
N ILE B 38 -31.23 29.53 -22.17
CA ILE B 38 -29.84 29.14 -22.03
C ILE B 38 -29.31 28.82 -23.43
N ILE B 39 -28.24 29.49 -23.85
CA ILE B 39 -27.68 29.29 -25.19
C ILE B 39 -26.87 27.99 -25.23
N LYS B 40 -27.18 27.12 -26.19
CA LYS B 40 -26.46 25.87 -26.36
C LYS B 40 -25.27 26.10 -27.29
N ALA B 41 -25.50 26.81 -28.40
CA ALA B 41 -24.49 27.05 -29.40
C ALA B 41 -24.85 28.23 -30.30
N GLY B 42 -23.84 28.80 -30.92
CA GLY B 42 -24.06 29.90 -31.84
C GLY B 42 -22.78 30.35 -32.50
N THR B 43 -22.91 31.17 -33.55
CA THR B 43 -21.74 31.77 -34.20
C THR B 43 -21.19 32.82 -33.21
N VAL B 44 -19.93 33.23 -33.32
CA VAL B 44 -19.39 34.24 -32.41
C VAL B 44 -20.18 35.59 -32.53
N ILE B 45 -20.69 35.95 -33.72
CA ILE B 45 -21.50 37.16 -33.88
C ILE B 45 -22.80 37.04 -33.06
N LYS B 46 -23.46 35.87 -33.10
CA LYS B 46 -24.68 35.67 -32.32
C LYS B 46 -24.38 35.60 -30.82
N LEU B 47 -23.21 35.07 -30.44
CA LEU B 47 -22.84 35.04 -29.02
C LEU B 47 -22.56 36.46 -28.51
N ILE B 48 -21.96 37.36 -29.33
CA ILE B 48 -21.70 38.74 -28.89
C ILE B 48 -23.05 39.49 -28.84
N GLU B 49 -23.96 39.24 -29.79
CA GLU B 49 -25.26 39.90 -29.79
C GLU B 49 -26.02 39.56 -28.50
N ARG B 50 -26.03 38.27 -28.12
CA ARG B 50 -26.71 37.83 -26.91
C ARG B 50 -25.95 38.21 -25.63
N LEU B 51 -24.63 38.34 -25.72
CA LEU B 51 -23.80 38.82 -24.61
C LEU B 51 -24.21 40.27 -24.21
N THR B 52 -24.68 41.04 -25.19
CA THR B 52 -25.06 42.43 -25.03
C THR B 52 -26.50 42.66 -25.52
N TYR B 53 -27.40 41.72 -25.18
CA TYR B 53 -28.79 41.74 -25.63
C TYR B 53 -29.55 42.91 -25.03
N HIS B 54 -30.36 43.58 -25.83
CA HIS B 54 -31.11 44.75 -25.38
C HIS B 54 -32.31 44.47 -24.46
N MET B 55 -32.97 43.32 -24.61
CA MET B 55 -34.19 43.00 -23.87
C MET B 55 -34.03 42.73 -22.36
N TYR B 56 -32.89 42.20 -21.94
CA TYR B 56 -32.67 41.91 -20.53
C TYR B 56 -31.20 41.69 -20.20
N ALA B 57 -30.85 41.83 -18.92
CA ALA B 57 -29.50 41.56 -18.46
C ALA B 57 -29.39 40.03 -18.33
N ASP B 58 -28.19 39.47 -18.52
CA ASP B 58 -27.97 38.03 -18.47
C ASP B 58 -26.65 37.78 -17.74
N PRO B 59 -26.64 37.94 -16.40
CA PRO B 59 -25.38 37.78 -15.66
C PRO B 59 -24.73 36.39 -15.74
N ASN B 60 -25.52 35.32 -15.88
CA ASN B 60 -24.96 33.98 -15.99
C ASN B 60 -24.19 33.79 -17.31
N PHE B 61 -24.74 34.31 -18.42
CA PHE B 61 -24.10 34.19 -19.72
C PHE B 61 -22.85 35.08 -19.77
N VAL B 62 -22.90 36.30 -19.22
CA VAL B 62 -21.73 37.20 -19.18
C VAL B 62 -20.59 36.53 -18.40
N ARG B 63 -20.90 36.00 -17.21
CA ARG B 63 -19.90 35.34 -16.38
C ARG B 63 -19.27 34.14 -17.11
N THR B 64 -20.11 33.27 -17.71
CA THR B 64 -19.63 32.05 -18.37
C THR B 64 -18.79 32.41 -19.59
N PHE B 65 -19.30 33.36 -20.39
CA PHE B 65 -18.65 33.82 -21.60
C PHE B 65 -17.26 34.43 -21.29
N LEU B 66 -17.17 35.33 -20.29
CA LEU B 66 -15.87 35.95 -19.99
C LEU B 66 -14.87 34.96 -19.36
N THR B 67 -15.34 33.87 -18.74
CA THR B 67 -14.46 32.84 -18.20
C THR B 67 -13.92 31.94 -19.32
N THR B 68 -14.76 31.62 -20.31
CA THR B 68 -14.45 30.65 -21.35
C THR B 68 -14.23 31.13 -22.79
N TYR B 69 -14.39 32.42 -23.11
CA TYR B 69 -14.30 32.88 -24.50
C TYR B 69 -12.94 32.65 -25.17
N ARG B 70 -11.84 32.57 -24.40
CA ARG B 70 -10.50 32.38 -24.97
C ARG B 70 -10.33 31.05 -25.73
N SER B 71 -11.24 30.09 -25.50
CA SER B 71 -11.25 28.83 -26.23
C SER B 71 -11.78 28.98 -27.66
N PHE B 72 -12.48 30.09 -28.00
CA PHE B 72 -12.99 30.28 -29.37
C PHE B 72 -12.82 31.70 -29.94
N CYS B 73 -12.22 32.63 -29.18
CA CYS B 73 -12.06 34.02 -29.62
C CYS B 73 -10.88 34.63 -28.87
N LYS B 74 -10.03 35.40 -29.56
CA LYS B 74 -8.88 36.04 -28.90
C LYS B 74 -9.36 37.27 -28.11
N PRO B 75 -8.66 37.64 -27.02
CA PRO B 75 -9.03 38.88 -26.30
C PRO B 75 -9.13 40.13 -27.19
N GLN B 76 -8.15 40.34 -28.10
CA GLN B 76 -8.14 41.50 -29.01
C GLN B 76 -9.35 41.47 -29.93
N GLU B 77 -9.72 40.27 -30.42
CA GLU B 77 -10.87 40.06 -31.30
C GLU B 77 -12.17 40.38 -30.55
N LEU B 78 -12.29 39.93 -29.30
CA LEU B 78 -13.47 40.20 -28.48
C LEU B 78 -13.65 41.69 -28.27
N LEU B 79 -12.55 42.42 -27.99
CA LEU B 79 -12.65 43.87 -27.78
C LEU B 79 -13.12 44.57 -29.07
N SER B 80 -12.61 44.13 -30.23
CA SER B 80 -13.03 44.71 -31.50
C SER B 80 -14.52 44.45 -31.76
N LEU B 81 -14.99 43.24 -31.45
CA LEU B 81 -16.37 42.86 -31.65
C LEU B 81 -17.34 43.63 -30.71
N ILE B 82 -16.99 43.83 -29.41
CA ILE B 82 -17.91 44.57 -28.52
C ILE B 82 -17.89 46.07 -28.86
N ILE B 83 -16.76 46.60 -29.34
CA ILE B 83 -16.70 48.00 -29.78
C ILE B 83 -17.57 48.16 -31.04
N GLU B 84 -17.48 47.20 -31.97
CA GLU B 84 -18.28 47.20 -33.20
C GLU B 84 -19.78 47.13 -32.83
N ARG B 85 -20.12 46.27 -31.85
CA ARG B 85 -21.49 46.13 -31.31
C ARG B 85 -22.04 47.48 -30.80
N PHE B 86 -21.24 48.24 -30.04
CA PHE B 86 -21.58 49.55 -29.48
C PHE B 86 -21.93 50.62 -30.55
N GLU B 87 -21.25 50.59 -31.70
CA GLU B 87 -21.44 51.58 -32.75
C GLU B 87 -22.68 51.24 -33.61
N ILE B 88 -23.86 51.60 -33.13
CA ILE B 88 -25.11 51.29 -33.83
C ILE B 88 -25.57 52.44 -34.73
N PRO B 89 -25.82 52.21 -36.03
CA PRO B 89 -26.34 53.29 -36.88
C PRO B 89 -27.80 53.60 -36.57
N GLU B 90 -28.18 54.85 -36.74
CA GLU B 90 -29.54 55.31 -36.46
C GLU B 90 -30.37 55.33 -37.75
N PRO B 91 -31.68 55.06 -37.66
CA PRO B 91 -32.50 55.10 -38.88
C PRO B 91 -32.61 56.50 -39.48
N GLU B 92 -32.91 56.55 -40.77
CA GLU B 92 -33.09 57.81 -41.47
C GLU B 92 -34.41 58.46 -41.04
N PRO B 93 -34.50 59.80 -41.09
CA PRO B 93 -35.77 60.44 -40.74
C PRO B 93 -36.91 60.06 -41.68
N THR B 94 -38.14 60.13 -41.19
CA THR B 94 -39.31 59.84 -42.02
C THR B 94 -39.46 60.98 -43.07
N GLU B 95 -40.37 60.81 -44.04
CA GLU B 95 -40.58 61.83 -45.07
C GLU B 95 -41.06 63.15 -44.44
N ALA B 96 -42.03 63.07 -43.51
CA ALA B 96 -42.55 64.27 -42.85
C ALA B 96 -41.44 64.99 -42.07
N ASP B 97 -40.60 64.22 -41.38
CA ASP B 97 -39.51 64.81 -40.60
C ASP B 97 -38.39 65.36 -41.51
N ARG B 98 -38.18 64.76 -42.69
CA ARG B 98 -37.21 65.27 -43.66
C ARG B 98 -37.62 66.70 -44.12
N ILE B 99 -38.94 66.92 -44.30
CA ILE B 99 -39.51 68.20 -44.70
C ILE B 99 -39.37 69.20 -43.56
N ALA B 100 -39.65 68.76 -42.32
CA ALA B 100 -39.50 69.63 -41.14
C ALA B 100 -38.02 70.08 -41.01
N ILE B 101 -37.07 69.15 -41.15
CA ILE B 101 -35.64 69.42 -41.05
C ILE B 101 -35.20 70.45 -42.12
N GLU B 102 -35.64 70.27 -43.39
CA GLU B 102 -35.27 71.19 -44.47
C GLU B 102 -35.89 72.59 -44.29
N ASN B 103 -37.04 72.68 -43.60
CA ASN B 103 -37.64 73.98 -43.28
C ASN B 103 -36.92 74.64 -42.04
N GLY B 104 -36.01 73.91 -41.38
CA GLY B 104 -35.27 74.36 -40.22
C GLY B 104 -35.99 74.13 -38.90
N ASP B 105 -37.06 73.31 -38.90
CA ASP B 105 -37.84 73.00 -37.71
C ASP B 105 -37.36 71.72 -37.03
N GLN B 106 -37.79 71.51 -35.80
CA GLN B 106 -37.40 70.35 -35.03
C GLN B 106 -38.25 69.15 -35.49
N PRO B 107 -37.63 68.02 -35.88
CA PRO B 107 -38.44 66.87 -36.28
C PRO B 107 -39.07 66.17 -35.07
N LEU B 108 -40.14 65.42 -35.32
CA LEU B 108 -40.85 64.67 -34.30
C LEU B 108 -39.95 63.51 -33.84
N SER B 109 -39.33 62.79 -34.80
CA SER B 109 -38.39 61.70 -34.54
C SER B 109 -38.98 60.64 -33.61
N ALA B 110 -40.26 60.30 -33.81
CA ALA B 110 -40.92 59.34 -32.93
C ALA B 110 -40.23 57.94 -32.92
N GLU B 111 -40.02 57.34 -34.10
CA GLU B 111 -39.36 56.03 -34.17
C GLU B 111 -37.87 56.15 -33.86
N LEU B 112 -37.23 57.24 -34.26
CA LEU B 112 -35.80 57.46 -33.97
C LEU B 112 -35.58 57.54 -32.44
N LYS B 113 -36.42 58.28 -31.72
CA LYS B 113 -36.30 58.39 -30.26
C LYS B 113 -36.57 57.02 -29.60
N ARG B 114 -37.54 56.26 -30.12
CA ARG B 114 -37.85 54.94 -29.56
C ARG B 114 -36.70 53.94 -29.79
N PHE B 115 -36.08 53.98 -30.98
CA PHE B 115 -34.96 53.09 -31.29
C PHE B 115 -33.75 53.43 -30.41
N ARG B 116 -33.53 54.72 -30.11
CA ARG B 116 -32.44 55.11 -29.22
C ARG B 116 -32.70 54.60 -27.80
N LYS B 117 -33.93 54.82 -27.29
CA LYS B 117 -34.28 54.43 -25.93
C LYS B 117 -34.39 52.91 -25.70
N GLU B 118 -35.00 52.17 -26.64
CA GLU B 118 -35.26 50.75 -26.50
C GLU B 118 -34.20 49.81 -27.07
N TYR B 119 -33.29 50.28 -27.93
CA TYR B 119 -32.26 49.42 -28.52
C TYR B 119 -30.82 49.96 -28.30
N ILE B 120 -30.51 51.18 -28.80
CA ILE B 120 -29.16 51.72 -28.73
C ILE B 120 -28.65 51.88 -27.28
N GLN B 121 -29.41 52.59 -26.44
CA GLN B 121 -29.00 52.84 -25.05
C GLN B 121 -28.80 51.50 -24.30
N PRO B 122 -29.78 50.57 -24.32
CA PRO B 122 -29.58 49.27 -23.66
C PRO B 122 -28.38 48.48 -24.19
N VAL B 123 -28.18 48.36 -25.52
CA VAL B 123 -27.03 47.61 -26.09
C VAL B 123 -25.70 48.27 -25.64
N GLN B 124 -25.62 49.60 -25.72
CA GLN B 124 -24.41 50.32 -25.32
C GLN B 124 -24.11 50.14 -23.81
N LEU B 125 -25.14 50.15 -22.96
CA LEU B 125 -24.95 49.91 -21.53
C LEU B 125 -24.56 48.44 -21.27
N ARG B 126 -25.04 47.49 -22.09
CA ARG B 126 -24.63 46.10 -21.96
C ARG B 126 -23.16 45.93 -22.35
N VAL B 127 -22.70 46.63 -23.41
CA VAL B 127 -21.29 46.59 -23.81
C VAL B 127 -20.42 47.11 -22.64
N LEU B 128 -20.83 48.21 -22.00
CA LEU B 128 -20.10 48.77 -20.87
C LEU B 128 -20.14 47.84 -19.64
N ASN B 129 -21.24 47.11 -19.45
CA ASN B 129 -21.32 46.13 -18.36
C ASN B 129 -20.33 44.98 -18.63
N VAL B 130 -20.22 44.55 -19.90
CA VAL B 130 -19.24 43.52 -20.29
C VAL B 130 -17.81 44.04 -20.00
N CYS B 131 -17.49 45.29 -20.40
CA CYS B 131 -16.17 45.89 -20.12
C CYS B 131 -15.86 45.87 -18.61
N ARG B 132 -16.84 46.28 -17.79
CA ARG B 132 -16.73 46.33 -16.32
C ARG B 132 -16.42 44.93 -15.75
N HIS B 133 -17.16 43.92 -16.19
CA HIS B 133 -16.98 42.53 -15.74
C HIS B 133 -15.61 42.01 -16.18
N TRP B 134 -15.23 42.31 -17.42
CA TRP B 134 -13.96 41.90 -17.99
C TRP B 134 -12.78 42.44 -17.15
N VAL B 135 -12.77 43.74 -16.82
CA VAL B 135 -11.68 44.31 -16.02
C VAL B 135 -11.73 43.85 -14.55
N GLU B 136 -12.92 43.62 -13.99
CA GLU B 136 -13.06 43.19 -12.60
C GLU B 136 -12.64 41.73 -12.34
N HIS B 137 -13.05 40.79 -13.21
CA HIS B 137 -12.81 39.37 -12.98
C HIS B 137 -11.74 38.76 -13.84
N HIS B 138 -11.29 39.45 -14.91
CA HIS B 138 -10.25 38.90 -15.78
C HIS B 138 -9.21 39.95 -16.16
N PHE B 139 -8.75 40.78 -15.20
CA PHE B 139 -7.76 41.81 -15.49
C PHE B 139 -6.45 41.24 -16.05
N TYR B 140 -6.16 39.96 -15.80
CA TYR B 140 -4.98 39.30 -16.33
C TYR B 140 -4.85 39.41 -17.85
N ASP B 141 -5.96 39.50 -18.58
CA ASP B 141 -5.91 39.69 -20.03
C ASP B 141 -5.22 41.01 -20.40
N PHE B 142 -5.47 42.05 -19.59
CA PHE B 142 -4.92 43.40 -19.73
C PHE B 142 -3.48 43.47 -19.18
N GLU B 143 -3.14 42.65 -18.17
CA GLU B 143 -1.77 42.59 -17.65
C GLU B 143 -0.87 41.92 -18.69
N ARG B 144 -1.37 40.86 -19.35
CA ARG B 144 -0.62 40.14 -20.39
C ARG B 144 -0.54 40.94 -21.70
N ASP B 145 -1.50 41.83 -21.97
CA ASP B 145 -1.52 42.59 -23.22
C ASP B 145 -1.74 44.09 -22.94
N ALA B 146 -0.66 44.84 -22.82
CA ALA B 146 -0.73 46.28 -22.54
C ALA B 146 -1.46 47.06 -23.67
N TYR B 147 -1.34 46.57 -24.91
CA TYR B 147 -2.03 47.16 -26.06
C TYR B 147 -3.56 46.98 -25.95
N LEU B 148 -4.02 45.83 -25.42
CA LEU B 148 -5.45 45.55 -25.20
C LEU B 148 -6.03 46.54 -24.19
N LEU B 149 -5.26 46.91 -23.15
CA LEU B 149 -5.69 47.88 -22.14
C LEU B 149 -5.71 49.29 -22.72
N GLN B 150 -4.69 49.65 -23.51
CA GLN B 150 -4.64 50.97 -24.17
C GLN B 150 -5.89 51.17 -25.06
N ARG B 151 -6.28 50.09 -25.77
CA ARG B 151 -7.47 50.09 -26.62
C ARG B 151 -8.75 50.24 -25.79
N MET B 152 -8.85 49.52 -24.67
CA MET B 152 -10.00 49.59 -23.78
C MET B 152 -10.12 51.00 -23.18
N GLU B 153 -9.01 51.52 -22.66
CA GLU B 153 -8.99 52.84 -22.04
C GLU B 153 -9.35 53.94 -23.06
N GLU B 154 -8.96 53.78 -24.34
CA GLU B 154 -9.30 54.76 -25.38
C GLU B 154 -10.80 54.66 -25.66
N PHE B 155 -11.32 53.45 -25.78
CA PHE B 155 -12.73 53.23 -26.04
C PHE B 155 -13.62 53.84 -24.92
N ILE B 156 -13.41 53.45 -23.66
CA ILE B 156 -14.25 53.96 -22.57
C ILE B 156 -14.05 55.47 -22.37
N GLY B 157 -12.81 55.93 -22.54
CA GLY B 157 -12.45 57.34 -22.41
C GLY B 157 -13.00 58.26 -23.48
N THR B 158 -13.59 57.73 -24.56
CA THR B 158 -14.19 58.53 -25.62
C THR B 158 -15.71 58.37 -25.70
N VAL B 159 -16.34 57.58 -24.80
CA VAL B 159 -17.80 57.41 -24.76
C VAL B 159 -18.40 58.74 -24.29
N ARG B 160 -19.43 59.24 -24.99
CA ARG B 160 -20.06 60.54 -24.68
C ARG B 160 -21.42 60.44 -24.00
N GLY B 161 -21.75 61.45 -23.20
CA GLY B 161 -23.03 61.53 -22.50
C GLY B 161 -22.89 61.24 -21.02
N LYS B 162 -23.50 62.10 -20.17
CA LYS B 162 -23.45 61.95 -18.72
C LYS B 162 -24.14 60.68 -18.22
N ALA B 163 -25.08 60.11 -19.01
CA ALA B 163 -25.73 58.85 -18.63
C ALA B 163 -24.69 57.72 -18.63
N MET B 164 -23.82 57.65 -19.65
CA MET B 164 -22.76 56.64 -19.72
C MET B 164 -21.46 57.07 -18.98
N LYS B 165 -21.36 58.33 -18.52
CA LYS B 165 -20.19 58.82 -17.79
C LYS B 165 -20.03 58.07 -16.45
N LYS B 166 -21.13 57.81 -15.71
CA LYS B 166 -21.08 57.05 -14.47
C LYS B 166 -20.55 55.62 -14.74
N TRP B 167 -21.03 54.98 -15.80
CA TRP B 167 -20.56 53.63 -16.15
C TRP B 167 -19.05 53.66 -16.45
N VAL B 168 -18.60 54.66 -17.22
CA VAL B 168 -17.18 54.81 -17.55
C VAL B 168 -16.35 55.01 -16.26
N GLU B 169 -16.82 55.86 -15.34
CA GLU B 169 -16.10 56.13 -14.10
C GLU B 169 -15.93 54.86 -13.26
N SER B 170 -16.98 54.02 -13.17
CA SER B 170 -16.91 52.78 -12.42
C SER B 170 -15.88 51.80 -13.03
N ILE B 171 -15.77 51.77 -14.36
CA ILE B 171 -14.82 50.90 -15.04
C ILE B 171 -13.39 51.43 -14.78
N THR B 172 -13.16 52.74 -14.93
CA THR B 172 -11.84 53.32 -14.69
C THR B 172 -11.36 53.06 -13.25
N LYS B 173 -12.26 53.20 -12.27
CA LYS B 173 -11.93 52.97 -10.86
C LYS B 173 -11.39 51.55 -10.66
N ILE B 174 -12.02 50.56 -11.29
CA ILE B 174 -11.57 49.17 -11.20
C ILE B 174 -10.18 49.03 -11.85
N ILE B 175 -10.01 49.54 -13.09
CA ILE B 175 -8.73 49.44 -13.82
C ILE B 175 -7.57 50.03 -12.99
N GLN B 176 -7.79 51.20 -12.39
CA GLN B 176 -6.77 51.85 -11.58
C GLN B 176 -6.49 51.06 -10.29
N ARG B 177 -7.54 50.52 -9.64
N ARG B 177 -7.53 50.52 -9.64
CA ARG B 177 -7.38 49.69 -8.44
CA ARG B 177 -7.38 49.69 -8.44
C ARG B 177 -6.55 48.44 -8.77
C ARG B 177 -6.54 48.44 -8.78
N LYS B 178 -6.78 47.84 -9.95
CA LYS B 178 -6.04 46.65 -10.40
C LYS B 178 -4.56 47.00 -10.67
N LYS B 179 -4.28 48.15 -11.27
CA LYS B 179 -2.91 48.59 -11.53
C LYS B 179 -2.19 48.81 -10.20
N ILE B 180 -2.87 49.45 -9.22
CA ILE B 180 -2.29 49.72 -7.90
C ILE B 180 -2.03 48.41 -7.14
N ALA B 181 -2.90 47.40 -7.31
CA ALA B 181 -2.73 46.10 -6.65
C ALA B 181 -1.51 45.32 -7.17
N ARG B 182 -0.97 45.66 -8.36
CA ARG B 182 0.23 44.99 -8.87
C ARG B 182 1.48 45.58 -8.19
N PHE B 192 -6.34 36.94 11.38
CA PHE B 192 -6.71 35.81 12.22
C PHE B 192 -7.50 36.27 13.45
N GLN B 193 -8.45 35.44 13.92
CA GLN B 193 -9.21 35.70 15.16
C GLN B 193 -8.44 35.24 16.39
N SER B 194 -7.63 34.17 16.26
CA SER B 194 -6.81 33.60 17.33
C SER B 194 -5.33 33.56 16.92
N SER B 195 -4.43 33.45 17.91
CA SER B 195 -3.00 33.33 17.61
C SER B 195 -2.77 31.92 17.00
N PRO B 196 -1.93 31.74 15.95
CA PRO B 196 -1.72 30.38 15.43
C PRO B 196 -0.95 29.50 16.40
N PRO B 197 -1.03 28.15 16.27
CA PRO B 197 -0.28 27.28 17.18
C PRO B 197 1.23 27.44 17.04
N THR B 198 1.94 27.00 18.07
CA THR B 198 3.40 27.10 18.10
C THR B 198 4.03 26.29 17.00
N VAL B 199 5.03 26.87 16.30
CA VAL B 199 5.75 26.18 15.24
C VAL B 199 6.52 25.03 15.85
N GLU B 200 6.28 23.80 15.36
CA GLU B 200 6.91 22.60 15.88
C GLU B 200 8.27 22.34 15.23
N TRP B 201 9.23 21.88 16.05
CA TRP B 201 10.58 21.53 15.62
C TRP B 201 10.95 20.15 16.18
N HIS B 202 11.80 19.42 15.47
CA HIS B 202 12.23 18.08 15.88
C HIS B 202 13.78 18.01 16.03
N ILE B 203 14.56 17.64 14.98
CA ILE B 203 16.01 17.55 15.09
C ILE B 203 16.60 18.86 14.55
N SER B 204 16.19 19.25 13.34
CA SER B 204 16.66 20.49 12.71
C SER B 204 16.27 21.68 13.56
N ARG B 205 17.22 22.58 13.80
CA ARG B 205 16.95 23.78 14.59
C ARG B 205 16.47 24.90 13.68
N PRO B 206 15.72 25.90 14.18
CA PRO B 206 15.35 27.04 13.32
C PRO B 206 16.57 27.73 12.72
N GLY B 207 16.54 27.98 11.42
CA GLY B 207 17.64 28.62 10.71
C GLY B 207 18.67 27.66 10.12
N HIS B 208 18.82 26.45 10.69
CA HIS B 208 19.77 25.45 10.19
C HIS B 208 19.16 24.71 9.01
N ILE B 209 18.97 25.43 7.91
CA ILE B 209 18.36 24.93 6.67
C ILE B 209 19.14 23.79 6.01
N GLU B 210 20.44 23.68 6.31
CA GLU B 210 21.31 22.65 5.74
C GLU B 210 20.87 21.26 6.18
N THR B 211 20.39 21.13 7.43
CA THR B 211 19.94 19.85 7.99
C THR B 211 18.47 19.52 7.67
N PHE B 212 17.71 20.45 7.04
CA PHE B 212 16.30 20.23 6.75
C PHE B 212 16.08 19.03 5.84
N ASP B 213 15.23 18.11 6.28
CA ASP B 213 14.90 16.91 5.50
C ASP B 213 13.59 16.28 6.04
N LEU B 214 13.13 15.19 5.42
CA LEU B 214 11.88 14.53 5.81
C LEU B 214 11.86 14.10 7.29
N LEU B 215 12.96 13.51 7.78
CA LEU B 215 13.01 12.98 9.15
C LEU B 215 13.56 13.96 10.20
N THR B 216 14.20 15.05 9.78
CA THR B 216 14.77 16.01 10.73
C THR B 216 13.81 17.16 11.06
N LEU B 217 12.92 17.51 10.13
CA LEU B 217 11.87 18.49 10.40
C LEU B 217 10.74 17.78 11.17
N HIS B 218 9.88 18.54 11.86
CA HIS B 218 8.79 17.96 12.63
C HIS B 218 7.68 17.55 11.66
N PRO B 219 7.14 16.31 11.74
CA PRO B 219 6.07 15.93 10.81
C PRO B 219 4.86 16.86 10.84
N ILE B 220 4.51 17.39 12.02
CA ILE B 220 3.39 18.33 12.15
C ILE B 220 3.67 19.58 11.32
N GLU B 221 4.89 20.12 11.43
CA GLU B 221 5.24 21.34 10.72
C GLU B 221 5.40 21.11 9.22
N ILE B 222 5.79 19.90 8.77
CA ILE B 222 5.86 19.59 7.34
C ILE B 222 4.45 19.71 6.74
N ALA B 223 3.48 19.05 7.40
CA ALA B 223 2.09 19.09 6.97
C ALA B 223 1.48 20.49 7.03
N ARG B 224 1.78 21.27 8.09
CA ARG B 224 1.24 22.63 8.22
C ARG B 224 1.78 23.55 7.10
N GLN B 225 3.09 23.55 6.88
CA GLN B 225 3.70 24.40 5.86
C GLN B 225 3.35 23.98 4.44
N LEU B 226 3.18 22.67 4.20
CA LEU B 226 2.75 22.20 2.89
C LEU B 226 1.27 22.56 2.66
N THR B 227 0.46 22.61 3.72
CA THR B 227 -0.94 23.00 3.61
C THR B 227 -1.01 24.51 3.30
N LEU B 228 -0.19 25.33 3.97
CA LEU B 228 -0.13 26.77 3.69
C LEU B 228 0.31 27.02 2.24
N LEU B 229 1.30 26.26 1.76
CA LEU B 229 1.82 26.36 0.39
C LEU B 229 0.76 25.94 -0.63
N GLU B 230 0.13 24.79 -0.42
CA GLU B 230 -0.89 24.25 -1.33
C GLU B 230 -2.18 25.06 -1.28
N SER B 231 -2.52 25.64 -0.12
CA SER B 231 -3.70 26.50 0.03
C SER B 231 -3.47 27.75 -0.83
N ASP B 232 -2.28 28.35 -0.77
CA ASP B 232 -1.96 29.51 -1.57
C ASP B 232 -1.97 29.16 -3.07
N LEU B 233 -1.40 28.00 -3.45
CA LEU B 233 -1.38 27.59 -4.84
C LEU B 233 -2.81 27.34 -5.36
N TYR B 234 -3.65 26.71 -4.54
CA TYR B 234 -5.05 26.44 -4.88
C TYR B 234 -5.83 27.73 -5.09
N ARG B 235 -5.71 28.70 -4.17
CA ARG B 235 -6.43 29.96 -4.24
C ARG B 235 -6.03 30.82 -5.45
N ALA B 236 -4.79 30.65 -5.98
CA ALA B 236 -4.30 31.42 -7.11
C ALA B 236 -4.80 30.96 -8.48
N VAL B 237 -5.29 29.71 -8.61
CA VAL B 237 -5.71 29.21 -9.93
C VAL B 237 -6.97 29.94 -10.39
N GLN B 238 -6.92 30.58 -11.56
CA GLN B 238 -8.07 31.28 -12.14
C GLN B 238 -8.81 30.32 -13.09
N PRO B 239 -10.15 30.35 -13.12
CA PRO B 239 -10.89 29.41 -14.00
C PRO B 239 -10.46 29.29 -15.48
N SER B 240 -10.13 30.42 -16.14
CA SER B 240 -9.74 30.39 -17.57
C SER B 240 -8.46 29.60 -17.84
N GLU B 241 -7.61 29.44 -16.82
CA GLU B 241 -6.39 28.63 -16.92
C GLU B 241 -6.73 27.14 -17.16
N LEU B 242 -7.96 26.71 -16.84
CA LEU B 242 -8.47 25.35 -16.97
C LEU B 242 -9.39 25.15 -18.18
N VAL B 243 -9.73 26.20 -18.93
CA VAL B 243 -10.63 26.08 -20.08
C VAL B 243 -9.86 25.71 -21.34
N GLY B 244 -10.49 24.94 -22.22
CA GLY B 244 -9.91 24.53 -23.50
C GLY B 244 -8.58 23.82 -23.43
N SER B 245 -8.26 23.19 -22.28
CA SER B 245 -7.01 22.47 -22.04
C SER B 245 -5.77 23.32 -22.37
N VAL B 246 -5.82 24.64 -22.09
CA VAL B 246 -4.71 25.55 -22.41
C VAL B 246 -3.44 25.25 -21.65
N TRP B 247 -3.51 24.55 -20.51
CA TRP B 247 -2.30 24.16 -19.79
C TRP B 247 -1.52 23.04 -20.50
N THR B 248 -2.11 22.41 -21.54
CA THR B 248 -1.49 21.34 -22.34
C THR B 248 -1.16 21.82 -23.78
N LYS B 249 -1.18 23.15 -24.06
CA LYS B 249 -0.92 23.72 -25.38
C LYS B 249 0.30 24.68 -25.36
N GLU B 250 0.63 25.33 -26.50
CA GLU B 250 1.86 26.12 -26.63
C GLU B 250 2.01 27.33 -25.69
N ASP B 251 0.94 28.14 -25.51
CA ASP B 251 1.03 29.31 -24.62
C ASP B 251 0.60 28.94 -23.21
N LYS B 252 0.98 27.75 -22.74
CA LYS B 252 0.61 27.28 -21.41
C LYS B 252 1.24 28.13 -20.29
N GLU B 253 2.50 28.55 -20.46
CA GLU B 253 3.20 29.34 -19.43
C GLU B 253 2.56 30.70 -19.20
N ILE B 254 1.94 31.30 -20.22
CA ILE B 254 1.31 32.61 -20.08
C ILE B 254 -0.16 32.48 -19.66
N ASN B 255 -0.90 31.52 -20.26
CA ASN B 255 -2.33 31.33 -20.02
C ASN B 255 -2.68 30.56 -18.75
N SER B 256 -1.77 29.70 -18.26
CA SER B 256 -2.04 28.87 -17.07
C SER B 256 -0.84 28.87 -16.09
N PRO B 257 -0.32 30.05 -15.68
CA PRO B 257 0.84 30.06 -14.78
C PRO B 257 0.61 29.47 -13.40
N ASN B 258 -0.54 29.75 -12.81
CA ASN B 258 -0.88 29.29 -11.47
C ASN B 258 -1.27 27.80 -11.47
N LEU B 259 -2.00 27.35 -12.50
CA LEU B 259 -2.36 25.95 -12.63
C LEU B 259 -1.11 25.09 -12.81
N LEU B 260 -0.20 25.49 -13.71
CA LEU B 260 1.04 24.74 -13.94
C LEU B 260 1.89 24.67 -12.67
N LYS B 261 1.88 25.74 -11.87
CA LYS B 261 2.62 25.80 -10.61
C LYS B 261 2.02 24.78 -9.62
N MET B 262 0.68 24.64 -9.59
CA MET B 262 -0.01 23.68 -8.72
C MET B 262 0.36 22.24 -9.14
N ILE B 263 0.31 21.96 -10.44
CA ILE B 263 0.64 20.63 -10.97
C ILE B 263 2.10 20.25 -10.67
N ARG B 264 3.04 21.18 -10.90
CA ARG B 264 4.45 20.91 -10.69
C ARG B 264 4.79 20.69 -9.21
N HIS B 265 4.11 21.39 -8.28
CA HIS B 265 4.32 21.15 -6.85
C HIS B 265 3.87 19.73 -6.51
N THR B 266 2.68 19.34 -7.00
CA THR B 266 2.10 18.01 -6.77
C THR B 266 3.07 16.93 -7.29
N THR B 267 3.61 17.13 -8.49
CA THR B 267 4.56 16.20 -9.09
C THR B 267 5.85 16.11 -8.25
N ASN B 268 6.44 17.26 -7.92
CA ASN B 268 7.69 17.30 -7.18
C ASN B 268 7.56 16.75 -5.75
N LEU B 269 6.44 17.01 -5.06
CA LEU B 269 6.26 16.50 -3.70
C LEU B 269 6.06 15.00 -3.74
N THR B 270 5.22 14.52 -4.66
CA THR B 270 4.92 13.08 -4.81
C THR B 270 6.20 12.32 -5.14
N LEU B 271 6.99 12.84 -6.10
CA LEU B 271 8.25 12.20 -6.47
C LEU B 271 9.29 12.32 -5.37
N TRP B 272 9.26 13.41 -4.59
CA TRP B 272 10.18 13.59 -3.48
C TRP B 272 9.88 12.54 -2.39
N PHE B 273 8.59 12.27 -2.10
CA PHE B 273 8.23 11.24 -1.12
C PHE B 273 8.76 9.87 -1.60
N GLU B 274 8.57 9.55 -2.88
CA GLU B 274 9.04 8.27 -3.44
C GLU B 274 10.57 8.17 -3.37
N LYS B 275 11.29 9.28 -3.66
CA LYS B 275 12.75 9.36 -3.61
C LYS B 275 13.24 9.11 -2.17
N CYS B 276 12.59 9.74 -1.18
CA CYS B 276 12.90 9.54 0.25
C CYS B 276 12.78 8.06 0.62
N ILE B 277 11.76 7.39 0.07
CA ILE B 277 11.52 5.98 0.37
C ILE B 277 12.54 5.04 -0.33
N VAL B 278 12.58 5.01 -1.68
CA VAL B 278 13.43 4.04 -2.40
C VAL B 278 14.94 4.28 -2.23
N GLU B 279 15.36 5.53 -2.03
CA GLU B 279 16.78 5.80 -1.79
C GLU B 279 17.21 5.44 -0.36
N THR B 280 16.26 5.09 0.54
CA THR B 280 16.60 4.65 1.87
C THR B 280 16.66 3.15 1.72
N GLU B 281 17.87 2.66 1.49
CA GLU B 281 18.12 1.26 1.18
C GLU B 281 18.01 0.32 2.39
N ASN B 282 18.41 0.76 3.60
CA ASN B 282 18.27 -0.06 4.80
C ASN B 282 16.76 -0.24 5.07
N LEU B 283 16.31 -1.49 5.23
CA LEU B 283 14.89 -1.79 5.42
C LEU B 283 14.28 -1.05 6.63
N GLU B 284 14.92 -1.17 7.80
CA GLU B 284 14.45 -0.54 9.04
C GLU B 284 14.36 0.98 8.90
N GLU B 285 15.34 1.59 8.23
CA GLU B 285 15.31 3.03 8.01
C GLU B 285 14.18 3.42 7.04
N ARG B 286 13.92 2.58 6.02
CA ARG B 286 12.85 2.83 5.05
C ARG B 286 11.47 2.68 5.69
N VAL B 287 11.32 1.77 6.67
CA VAL B 287 10.07 1.63 7.41
C VAL B 287 9.79 2.96 8.17
N ALA B 288 10.83 3.57 8.77
CA ALA B 288 10.71 4.84 9.49
C ALA B 288 10.30 5.96 8.53
N VAL B 289 10.89 5.97 7.33
CA VAL B 289 10.57 6.96 6.30
C VAL B 289 9.08 6.83 5.90
N VAL B 290 8.63 5.62 5.55
CA VAL B 290 7.24 5.41 5.14
C VAL B 290 6.28 5.77 6.27
N SER B 291 6.60 5.32 7.49
N SER B 291 6.59 5.32 7.50
CA SER B 291 5.81 5.59 8.70
CA SER B 291 5.76 5.63 8.67
C SER B 291 5.67 7.10 8.94
C SER B 291 5.64 7.13 8.90
N ARG B 292 6.73 7.88 8.66
CA ARG B 292 6.72 9.33 8.85
C ARG B 292 5.85 10.03 7.82
N ILE B 293 5.84 9.52 6.57
CA ILE B 293 4.99 10.09 5.54
C ILE B 293 3.51 9.79 5.87
N ILE B 294 3.20 8.61 6.45
CA ILE B 294 1.82 8.29 6.88
C ILE B 294 1.39 9.27 7.99
N GLU B 295 2.27 9.60 8.92
CA GLU B 295 1.98 10.58 9.98
C GLU B 295 1.74 11.97 9.39
N ILE B 296 2.46 12.34 8.33
CA ILE B 296 2.26 13.61 7.61
C ILE B 296 0.85 13.60 7.01
N LEU B 297 0.42 12.46 6.42
CA LEU B 297 -0.94 12.29 5.90
C LEU B 297 -1.96 12.47 7.03
N GLN B 298 -1.67 11.93 8.24
CA GLN B 298 -2.58 12.09 9.37
C GLN B 298 -2.79 13.56 9.73
N VAL B 299 -1.72 14.36 9.74
CA VAL B 299 -1.83 15.79 10.06
C VAL B 299 -2.53 16.50 8.89
N PHE B 300 -2.30 16.07 7.62
CA PHE B 300 -3.03 16.64 6.48
C PHE B 300 -4.54 16.37 6.65
N GLN B 301 -4.92 15.18 7.15
CA GLN B 301 -6.32 14.85 7.40
C GLN B 301 -6.90 15.77 8.47
N GLU B 302 -6.14 16.02 9.55
CA GLU B 302 -6.56 16.91 10.64
C GLU B 302 -6.83 18.33 10.08
N LEU B 303 -5.97 18.78 9.15
CA LEU B 303 -6.10 20.10 8.53
C LEU B 303 -7.05 20.13 7.32
N ASN B 304 -7.79 19.05 7.04
CA ASN B 304 -8.66 18.95 5.86
C ASN B 304 -7.93 19.28 4.56
N ASN B 305 -6.65 18.90 4.49
CA ASN B 305 -5.87 19.09 3.28
C ASN B 305 -5.97 17.79 2.49
N PHE B 306 -7.07 17.65 1.76
CA PHE B 306 -7.31 16.47 0.94
C PHE B 306 -6.33 16.35 -0.21
N ASN B 307 -5.82 17.48 -0.72
CA ASN B 307 -4.83 17.50 -1.78
C ASN B 307 -3.55 16.80 -1.30
N GLY B 308 -3.14 17.11 -0.08
CA GLY B 308 -1.97 16.53 0.56
C GLY B 308 -2.17 15.07 0.93
N VAL B 309 -3.39 14.69 1.38
CA VAL B 309 -3.69 13.30 1.70
C VAL B 309 -3.50 12.43 0.42
N LEU B 310 -4.05 12.91 -0.70
CA LEU B 310 -3.98 12.18 -1.96
C LEU B 310 -2.62 12.31 -2.70
N GLU B 311 -1.76 13.26 -2.30
CA GLU B 311 -0.38 13.30 -2.78
C GLU B 311 0.41 12.15 -2.10
N VAL B 312 0.15 11.90 -0.79
CA VAL B 312 0.79 10.80 -0.06
C VAL B 312 0.26 9.47 -0.62
N VAL B 313 -1.06 9.35 -0.86
CA VAL B 313 -1.66 8.13 -1.44
C VAL B 313 -1.01 7.84 -2.80
N SER B 314 -0.90 8.86 -3.68
CA SER B 314 -0.26 8.69 -4.99
C SER B 314 1.18 8.15 -4.86
N ALA B 315 1.96 8.69 -3.92
CA ALA B 315 3.33 8.23 -3.69
C ALA B 315 3.39 6.77 -3.23
N MET B 316 2.48 6.37 -2.34
CA MET B 316 2.45 5.01 -1.82
C MET B 316 1.93 4.00 -2.85
N ASN B 317 1.06 4.44 -3.77
CA ASN B 317 0.51 3.62 -4.85
C ASN B 317 1.41 3.56 -6.09
N SER B 318 2.45 4.42 -6.16
CA SER B 318 3.40 4.48 -7.27
C SER B 318 4.08 3.15 -7.49
N SER B 319 4.50 2.91 -8.74
CA SER B 319 5.14 1.65 -9.10
C SER B 319 6.35 1.28 -8.19
N PRO B 320 7.27 2.22 -7.84
CA PRO B 320 8.39 1.84 -6.98
C PRO B 320 8.05 1.56 -5.53
N VAL B 321 7.08 2.27 -4.97
CA VAL B 321 6.75 2.13 -3.55
C VAL B 321 5.74 1.02 -3.25
N TYR B 322 4.68 0.93 -4.05
CA TYR B 322 3.61 -0.05 -3.78
C TYR B 322 4.10 -1.51 -3.74
N ARG B 323 5.14 -1.83 -4.50
CA ARG B 323 5.69 -3.18 -4.54
C ARG B 323 6.63 -3.55 -3.36
N LEU B 324 6.87 -2.63 -2.41
CA LEU B 324 7.77 -2.87 -1.26
C LEU B 324 7.07 -3.61 -0.12
N ASP B 325 6.77 -4.88 -0.38
CA ASP B 325 6.07 -5.80 0.54
C ASP B 325 6.76 -5.92 1.90
N HIS B 326 8.09 -5.97 1.92
CA HIS B 326 8.85 -6.09 3.16
C HIS B 326 8.78 -4.82 4.01
N THR B 327 8.63 -3.65 3.38
CA THR B 327 8.56 -2.38 4.12
C THR B 327 7.16 -2.25 4.74
N PHE B 328 6.11 -2.43 3.94
CA PHE B 328 4.74 -2.32 4.46
C PHE B 328 4.41 -3.43 5.46
N GLU B 329 5.09 -4.58 5.39
CA GLU B 329 4.92 -5.65 6.36
C GLU B 329 5.22 -5.16 7.79
N GLN B 330 6.22 -4.27 7.95
CA GLN B 330 6.58 -3.72 9.27
C GLN B 330 5.86 -2.43 9.65
N ILE B 331 4.95 -1.91 8.81
CA ILE B 331 4.21 -0.71 9.14
C ILE B 331 3.08 -1.10 10.13
N PRO B 332 2.95 -0.44 11.31
CA PRO B 332 1.87 -0.84 12.23
C PRO B 332 0.49 -0.83 11.59
N SER B 333 -0.36 -1.78 12.01
CA SER B 333 -1.73 -1.93 11.50
C SER B 333 -2.53 -0.62 11.54
N ARG B 334 -2.32 0.22 12.56
CA ARG B 334 -3.05 1.49 12.69
C ARG B 334 -2.75 2.42 11.52
N GLN B 335 -1.48 2.46 11.11
CA GLN B 335 -1.03 3.30 10.00
C GLN B 335 -1.44 2.71 8.66
N LYS B 336 -1.40 1.37 8.54
CA LYS B 336 -1.85 0.70 7.30
C LYS B 336 -3.35 0.96 7.10
N LYS B 337 -4.14 0.95 8.19
CA LYS B 337 -5.58 1.23 8.13
C LYS B 337 -5.84 2.69 7.71
N ILE B 338 -5.08 3.64 8.27
CA ILE B 338 -5.16 5.05 7.90
C ILE B 338 -4.89 5.22 6.40
N LEU B 339 -3.85 4.53 5.90
CA LEU B 339 -3.47 4.60 4.49
C LEU B 339 -4.52 3.94 3.58
N GLU B 340 -5.11 2.81 4.00
CA GLU B 340 -6.15 2.15 3.22
C GLU B 340 -7.43 3.00 3.11
N GLU B 341 -7.85 3.65 4.20
CA GLU B 341 -9.04 4.51 4.17
C GLU B 341 -8.79 5.76 3.32
N ALA B 342 -7.56 6.29 3.33
CA ALA B 342 -7.20 7.44 2.50
C ALA B 342 -7.32 7.06 1.01
N HIS B 343 -6.89 5.84 0.64
CA HIS B 343 -6.99 5.34 -0.73
C HIS B 343 -8.45 5.14 -1.11
N GLU B 344 -9.27 4.60 -0.19
CA GLU B 344 -10.68 4.36 -0.45
C GLU B 344 -11.48 5.66 -0.70
N LEU B 345 -10.92 6.84 -0.34
CA LEU B 345 -11.50 8.13 -0.71
C LEU B 345 -11.60 8.26 -2.23
N SER B 346 -10.65 7.64 -2.99
CA SER B 346 -10.57 7.71 -4.45
C SER B 346 -11.41 6.66 -5.19
N GLU B 347 -11.76 5.53 -4.53
CA GLU B 347 -12.54 4.48 -5.19
C GLU B 347 -13.95 4.94 -5.58
N ASP B 348 -14.57 4.26 -6.56
CA ASP B 348 -15.91 4.57 -7.04
C ASP B 348 -16.03 6.04 -7.50
N HIS B 349 -15.05 6.49 -8.28
CA HIS B 349 -15.00 7.86 -8.81
C HIS B 349 -15.03 8.91 -7.69
N TYR B 350 -14.22 8.69 -6.65
CA TYR B 350 -14.09 9.60 -5.52
C TYR B 350 -15.39 9.82 -4.74
N LYS B 351 -16.20 8.76 -4.58
CA LYS B 351 -17.48 8.82 -3.86
C LYS B 351 -17.33 9.23 -2.39
N LYS B 352 -16.37 8.63 -1.68
CA LYS B 352 -16.14 8.91 -0.27
C LYS B 352 -15.44 10.25 -0.07
N TYR B 353 -14.58 10.67 -1.01
CA TYR B 353 -13.93 11.98 -0.95
C TYR B 353 -14.99 13.09 -1.06
N LEU B 354 -15.95 12.94 -2.00
CA LEU B 354 -16.98 13.96 -2.17
C LEU B 354 -17.89 14.09 -0.94
N ALA B 355 -18.17 12.99 -0.20
CA ALA B 355 -19.00 13.08 1.01
C ALA B 355 -18.24 13.85 2.11
N LYS B 356 -16.94 13.57 2.27
CA LYS B 356 -16.12 14.25 3.28
C LYS B 356 -15.98 15.73 3.00
N LEU B 357 -15.76 16.10 1.74
CA LEU B 357 -15.59 17.50 1.37
C LEU B 357 -16.88 18.29 1.67
N ARG B 358 -18.04 17.70 1.39
CA ARG B 358 -19.33 18.34 1.64
C ARG B 358 -19.72 18.43 3.13
N SER B 359 -19.14 17.58 3.99
CA SER B 359 -19.46 17.55 5.42
C SER B 359 -18.41 18.22 6.33
N ILE B 360 -17.17 18.47 5.86
CA ILE B 360 -16.15 19.11 6.71
C ILE B 360 -16.39 20.61 6.91
N ASN B 361 -15.85 21.12 8.01
CA ASN B 361 -15.90 22.53 8.35
C ASN B 361 -14.64 23.20 7.80
N PRO B 362 -14.74 24.40 7.19
CA PRO B 362 -13.54 25.06 6.69
C PRO B 362 -12.54 25.46 7.79
N PRO B 363 -11.26 25.69 7.46
CA PRO B 363 -10.67 25.68 6.12
C PRO B 363 -10.26 24.31 5.61
N CYS B 364 -10.16 24.20 4.30
CA CYS B 364 -9.76 22.96 3.63
C CYS B 364 -8.98 23.26 2.34
N VAL B 365 -8.21 22.26 1.88
CA VAL B 365 -7.52 22.31 0.62
C VAL B 365 -8.10 21.13 -0.17
N PRO B 366 -9.07 21.36 -1.08
CA PRO B 366 -9.63 20.23 -1.84
C PRO B 366 -8.59 19.55 -2.74
N PHE B 367 -8.88 18.31 -3.12
CA PHE B 367 -8.04 17.54 -4.02
C PHE B 367 -8.21 18.16 -5.40
N PHE B 368 -7.13 18.72 -5.93
CA PHE B 368 -7.19 19.43 -7.19
C PHE B 368 -7.23 18.53 -8.43
N GLY B 369 -6.57 17.38 -8.37
CA GLY B 369 -6.52 16.45 -9.50
C GLY B 369 -7.85 15.99 -10.06
N ILE B 370 -8.88 15.83 -9.21
CA ILE B 370 -10.20 15.40 -9.68
C ILE B 370 -10.81 16.42 -10.64
N TYR B 371 -10.57 17.73 -10.40
CA TYR B 371 -11.08 18.78 -11.28
C TYR B 371 -10.43 18.66 -12.67
N LEU B 372 -9.11 18.44 -12.70
CA LEU B 372 -8.40 18.27 -13.97
C LEU B 372 -8.94 17.04 -14.74
N THR B 373 -9.14 15.94 -14.02
CA THR B 373 -9.69 14.70 -14.59
C THR B 373 -11.08 14.95 -15.20
N ASN B 374 -11.97 15.65 -14.46
CA ASN B 374 -13.32 15.92 -14.94
C ASN B 374 -13.34 16.92 -16.10
N ILE B 375 -12.49 17.94 -16.05
CA ILE B 375 -12.41 18.94 -17.12
C ILE B 375 -11.88 18.26 -18.40
N LEU B 376 -10.83 17.44 -18.29
CA LEU B 376 -10.29 16.75 -19.47
C LEU B 376 -11.32 15.81 -20.08
N LYS B 377 -12.11 15.13 -19.24
CA LYS B 377 -13.19 14.25 -19.69
C LYS B 377 -14.21 15.04 -20.52
N THR B 378 -14.58 16.24 -20.06
CA THR B 378 -15.53 17.10 -20.75
C THR B 378 -14.94 17.67 -22.06
N GLU B 379 -13.64 18.02 -22.06
CA GLU B 379 -12.99 18.57 -23.25
C GLU B 379 -12.90 17.53 -24.38
N GLU B 380 -12.50 16.31 -24.05
CA GLU B 380 -12.36 15.24 -25.03
C GLU B 380 -13.70 14.60 -25.41
N GLY B 381 -14.67 14.63 -24.52
CA GLY B 381 -15.97 14.00 -24.72
C GLY B 381 -17.04 14.80 -25.44
N ASN B 382 -16.81 16.12 -25.64
CA ASN B 382 -17.77 16.99 -26.32
C ASN B 382 -17.10 17.72 -27.47
N PRO B 383 -17.83 17.98 -28.57
CA PRO B 383 -17.20 18.65 -29.72
C PRO B 383 -17.06 20.15 -29.54
N GLU B 384 -16.03 20.72 -30.17
CA GLU B 384 -15.80 22.16 -30.13
C GLU B 384 -16.93 22.92 -30.83
N VAL B 385 -17.49 22.34 -31.91
CA VAL B 385 -18.57 22.98 -32.66
C VAL B 385 -19.74 22.01 -32.90
N LEU B 386 -20.91 22.58 -33.23
CA LEU B 386 -22.10 21.83 -33.59
C LEU B 386 -22.49 22.28 -35.01
N LYS B 387 -22.76 21.32 -35.88
CA LYS B 387 -23.11 21.55 -37.27
C LYS B 387 -24.64 21.57 -37.40
N ARG B 388 -25.19 22.62 -38.01
CA ARG B 388 -26.62 22.76 -38.21
C ARG B 388 -26.83 23.33 -39.61
N HIS B 389 -27.40 22.53 -40.52
CA HIS B 389 -27.65 22.92 -41.92
C HIS B 389 -26.34 23.30 -42.63
N GLY B 390 -25.29 22.53 -42.38
CA GLY B 390 -23.98 22.74 -43.00
C GLY B 390 -23.18 23.92 -42.48
N LYS B 391 -23.61 24.51 -41.33
CA LYS B 391 -22.90 25.65 -40.74
C LYS B 391 -22.36 25.29 -39.36
N GLU B 392 -21.14 25.77 -39.04
CA GLU B 392 -20.49 25.49 -37.75
C GLU B 392 -20.88 26.53 -36.70
N LEU B 393 -21.32 26.08 -35.52
CA LEU B 393 -21.68 26.93 -34.39
C LEU B 393 -20.82 26.55 -33.22
N ILE B 394 -20.27 27.51 -32.50
CA ILE B 394 -19.44 27.23 -31.32
C ILE B 394 -20.30 26.56 -30.25
N ASN B 395 -19.86 25.39 -29.77
CA ASN B 395 -20.60 24.66 -28.76
C ASN B 395 -20.38 25.35 -27.42
N PHE B 396 -21.27 26.29 -27.07
CA PHE B 396 -21.13 27.04 -25.84
C PHE B 396 -21.47 26.19 -24.60
N SER B 397 -22.42 25.25 -24.72
CA SER B 397 -22.75 24.36 -23.60
C SER B 397 -21.55 23.54 -23.11
N LYS B 398 -20.60 23.22 -24.01
CA LYS B 398 -19.36 22.51 -23.63
C LYS B 398 -18.55 23.42 -22.70
N ARG B 399 -18.40 24.70 -23.06
CA ARG B 399 -17.68 25.69 -22.27
C ARG B 399 -18.38 25.92 -20.94
N ARG B 400 -19.71 25.95 -20.93
CA ARG B 400 -20.48 26.14 -19.72
C ARG B 400 -20.29 24.97 -18.76
N LYS B 401 -20.17 23.73 -19.27
CA LYS B 401 -19.97 22.57 -18.42
C LYS B 401 -18.59 22.65 -17.74
N VAL B 402 -17.56 23.15 -18.46
CA VAL B 402 -16.23 23.32 -17.90
C VAL B 402 -16.26 24.44 -16.84
N ALA B 403 -16.98 25.55 -17.15
CA ALA B 403 -17.10 26.70 -16.25
C ALA B 403 -17.76 26.31 -14.93
N GLU B 404 -18.70 25.34 -14.94
CA GLU B 404 -19.36 24.90 -13.72
C GLU B 404 -18.39 24.11 -12.83
N ILE B 405 -17.45 23.35 -13.41
CA ILE B 405 -16.45 22.63 -12.61
C ILE B 405 -15.50 23.66 -11.99
N THR B 406 -15.09 24.69 -12.75
CA THR B 406 -14.22 25.73 -12.20
C THR B 406 -14.95 26.57 -11.12
N GLY B 407 -16.28 26.64 -11.17
CA GLY B 407 -17.09 27.30 -10.16
C GLY B 407 -17.02 26.57 -8.84
N GLU B 408 -16.94 25.22 -8.87
CA GLU B 408 -16.79 24.39 -7.68
C GLU B 408 -15.41 24.63 -7.04
N ILE B 409 -14.37 24.87 -7.87
CA ILE B 409 -13.02 25.17 -7.40
C ILE B 409 -13.04 26.49 -6.62
N GLN B 410 -13.65 27.54 -7.19
CA GLN B 410 -13.74 28.87 -6.58
C GLN B 410 -14.46 28.86 -5.23
N GLN B 411 -15.39 27.92 -5.03
CA GLN B 411 -16.15 27.76 -3.78
C GLN B 411 -15.22 27.59 -2.54
N TYR B 412 -14.02 27.00 -2.73
CA TYR B 412 -13.07 26.75 -1.64
C TYR B 412 -11.80 27.61 -1.70
N GLN B 413 -11.83 28.74 -2.43
CA GLN B 413 -10.66 29.61 -2.57
C GLN B 413 -10.63 30.77 -1.56
N ASN B 414 -11.54 30.80 -0.58
CA ASN B 414 -11.57 31.86 0.44
C ASN B 414 -11.59 31.19 1.82
N GLN B 415 -10.60 30.33 2.07
CA GLN B 415 -10.50 29.55 3.30
C GLN B 415 -9.07 29.56 3.83
N PRO B 416 -8.62 30.70 4.38
CA PRO B 416 -7.25 30.75 4.92
C PRO B 416 -7.13 29.98 6.23
N TYR B 417 -5.91 29.51 6.52
CA TYR B 417 -5.60 28.76 7.72
C TYR B 417 -4.96 29.63 8.78
N CYS B 418 -5.26 29.34 10.05
CA CYS B 418 -4.67 30.05 11.18
C CYS B 418 -3.38 29.34 11.55
N LEU B 419 -2.39 29.39 10.66
CA LEU B 419 -1.08 28.77 10.85
C LEU B 419 0.00 29.77 10.49
N ARG B 420 1.08 29.81 11.28
CA ARG B 420 2.17 30.74 11.05
C ARG B 420 3.09 30.18 10.00
N VAL B 421 3.48 31.02 9.03
CA VAL B 421 4.42 30.64 7.99
C VAL B 421 5.81 30.61 8.61
N GLU B 422 6.59 29.61 8.24
CA GLU B 422 7.98 29.47 8.63
C GLU B 422 8.67 29.63 7.27
N SER B 423 9.31 30.77 7.04
CA SER B 423 9.90 31.11 5.75
C SER B 423 10.91 30.08 5.23
N ASP B 424 11.79 29.57 6.10
CA ASP B 424 12.80 28.59 5.70
C ASP B 424 12.17 27.24 5.29
N ILE B 425 11.17 26.77 6.05
CA ILE B 425 10.50 25.50 5.73
C ILE B 425 9.69 25.70 4.43
N LYS B 426 9.03 26.86 4.27
CA LYS B 426 8.29 27.20 3.05
C LYS B 426 9.23 27.15 1.82
N ARG B 427 10.41 27.80 1.89
CA ARG B 427 11.38 27.80 0.78
C ARG B 427 11.88 26.39 0.48
N PHE B 428 12.09 25.60 1.52
CA PHE B 428 12.52 24.21 1.35
C PHE B 428 11.51 23.40 0.51
N PHE B 429 10.20 23.61 0.73
CA PHE B 429 9.17 22.90 -0.03
C PHE B 429 8.87 23.56 -1.39
N GLU B 430 9.05 24.87 -1.53
CA GLU B 430 8.89 25.54 -2.84
C GLU B 430 10.02 25.17 -3.80
N ASN B 431 11.23 24.87 -3.26
CA ASN B 431 12.41 24.56 -4.03
C ASN B 431 12.71 23.08 -4.14
N LEU B 432 11.72 22.19 -3.86
CA LEU B 432 11.95 20.74 -4.01
C LEU B 432 12.26 20.43 -5.46
N ASN B 433 13.32 19.64 -5.69
CA ASN B 433 13.74 19.27 -7.02
C ASN B 433 14.25 17.82 -7.00
N PRO B 434 13.35 16.84 -6.76
CA PRO B 434 13.80 15.44 -6.70
C PRO B 434 14.43 14.91 -7.97
N MET B 435 13.94 15.34 -9.14
CA MET B 435 14.47 14.89 -10.43
C MET B 435 15.88 15.44 -10.72
N GLY B 436 16.18 16.63 -10.20
CA GLY B 436 17.45 17.29 -10.47
C GLY B 436 17.51 17.72 -11.92
N ASN B 437 18.48 17.18 -12.67
CA ASN B 437 18.59 17.46 -14.11
C ASN B 437 17.85 16.41 -14.96
N SER B 438 17.32 15.32 -14.36
CA SER B 438 16.61 14.27 -15.10
C SER B 438 15.21 14.68 -15.51
N MET B 439 14.67 14.02 -16.55
CA MET B 439 13.28 14.22 -16.97
C MET B 439 12.43 13.29 -16.12
N GLU B 440 11.11 13.51 -16.09
CA GLU B 440 10.20 12.72 -15.27
C GLU B 440 10.19 11.23 -15.61
N LYS B 441 10.10 10.87 -16.90
CA LYS B 441 10.07 9.46 -17.30
C LYS B 441 11.35 8.72 -16.89
N GLU B 442 12.51 9.32 -17.13
CA GLU B 442 13.78 8.70 -16.77
C GLU B 442 13.96 8.66 -15.25
N PHE B 443 13.43 9.68 -14.52
CA PHE B 443 13.50 9.70 -13.07
C PHE B 443 12.62 8.62 -12.45
N THR B 444 11.43 8.36 -13.01
CA THR B 444 10.54 7.31 -12.52
C THR B 444 11.15 5.92 -12.85
N ASP B 445 11.84 5.79 -14.00
CA ASP B 445 12.53 4.54 -14.34
C ASP B 445 13.63 4.28 -13.30
N TYR B 446 14.35 5.35 -12.92
CA TYR B 446 15.38 5.30 -11.88
C TYR B 446 14.78 4.82 -10.54
N LEU B 447 13.66 5.44 -10.08
CA LEU B 447 13.03 5.07 -8.82
C LEU B 447 12.61 3.59 -8.80
N PHE B 448 12.10 3.10 -9.94
CA PHE B 448 11.66 1.72 -10.04
C PHE B 448 12.83 0.74 -10.01
N ASN B 449 13.95 1.08 -10.67
CA ASN B 449 15.14 0.24 -10.63
C ASN B 449 15.75 0.26 -9.22
N LYS B 450 15.67 1.41 -8.50
CA LYS B 450 16.13 1.50 -7.13
C LYS B 450 15.25 0.59 -6.24
N SER B 451 13.93 0.61 -6.48
CA SER B 451 12.98 -0.25 -5.78
C SER B 451 13.33 -1.73 -5.99
N LEU B 452 13.62 -2.15 -7.24
CA LEU B 452 14.01 -3.53 -7.53
C LEU B 452 15.33 -3.89 -6.83
N GLU B 453 16.24 -2.93 -6.64
CA GLU B 453 17.52 -3.17 -5.99
C GLU B 453 17.36 -3.42 -4.48
N ILE B 454 16.61 -2.55 -3.79
CA ILE B 454 16.43 -2.63 -2.34
C ILE B 454 15.53 -3.79 -1.90
N GLU B 455 14.58 -4.19 -2.76
CA GLU B 455 13.69 -5.34 -2.51
C GLU B 455 13.54 -6.10 -3.81
N PRO B 456 14.50 -6.97 -4.17
CA PRO B 456 14.40 -7.72 -5.43
C PRO B 456 13.18 -8.62 -5.55
N ARG B 457 12.77 -8.91 -6.80
CA ARG B 457 11.60 -9.75 -7.06
C ARG B 457 11.76 -11.14 -6.43
N ASN B 458 10.63 -11.67 -5.91
CA ASN B 458 10.46 -12.88 -5.09
C ASN B 458 11.51 -14.01 -5.25
N PRO B 459 11.83 -14.54 -6.47
CA PRO B 459 12.82 -15.64 -6.52
C PRO B 459 14.17 -15.26 -5.90
N LYS B 460 14.59 -14.01 -6.12
CA LYS B 460 15.88 -13.49 -5.64
C LYS B 460 15.81 -13.16 -4.14
N PRO B 461 16.74 -13.62 -3.26
CA PRO B 461 16.59 -13.29 -1.82
C PRO B 461 16.75 -11.80 -1.49
N LEU B 462 16.34 -11.40 -0.26
CA LEU B 462 16.41 -10.00 0.19
C LEU B 462 17.80 -9.66 0.78
N PRO B 463 18.61 -8.80 0.13
CA PRO B 463 19.91 -8.42 0.74
C PRO B 463 19.76 -7.38 1.85
N ARG B 464 20.82 -7.27 2.68
CA ARG B 464 20.90 -6.27 3.76
C ARG B 464 21.63 -5.06 3.20
N PHE B 465 21.30 -3.86 3.68
CA PHE B 465 21.94 -2.62 3.25
C PHE B 465 22.37 -1.81 4.47
N PRO B 466 23.45 -1.01 4.34
CA PRO B 466 23.91 -0.23 5.50
C PRO B 466 23.04 0.98 5.79
N LYS B 467 23.06 1.45 7.04
CA LYS B 467 22.30 2.63 7.44
C LYS B 467 22.92 3.90 6.85
N LYS B 468 22.08 4.91 6.58
CA LYS B 468 22.47 6.21 6.03
C LYS B 468 22.16 7.39 6.98
N TYR B 469 21.32 7.19 8.02
CA TYR B 469 20.92 8.26 8.93
C TYR B 469 21.65 8.16 10.28
N SER B 470 22.42 9.20 10.64
CA SER B 470 23.17 9.27 11.90
C SER B 470 22.26 9.62 13.08
N TYR B 471 21.30 10.51 12.84
CA TYR B 471 20.34 10.97 13.86
C TYR B 471 19.28 9.92 14.21
N PRO B 472 18.64 10.01 15.40
CA PRO B 472 17.61 9.01 15.74
C PRO B 472 16.41 9.01 14.79
N LEU B 473 15.84 7.83 14.55
CA LEU B 473 14.72 7.65 13.63
C LEU B 473 13.34 7.75 14.30
N LYS B 474 13.27 7.72 15.64
CA LYS B 474 12.00 7.78 16.35
C LYS B 474 11.26 9.07 16.03
N SER B 475 9.98 8.96 15.67
CA SER B 475 9.16 10.12 15.37
C SER B 475 8.74 10.83 16.65
N PRO B 476 8.65 12.18 16.63
CA PRO B 476 8.10 12.88 17.81
C PRO B 476 6.57 12.81 17.92
N GLY B 477 5.92 12.10 17.00
CA GLY B 477 4.47 11.95 16.99
C GLY B 477 3.75 13.08 16.29
N VAL B 478 2.42 12.97 16.21
CA VAL B 478 1.56 13.97 15.59
C VAL B 478 0.73 14.78 16.61
N ARG B 479 1.06 14.69 17.91
CA ARG B 479 0.35 15.43 18.96
C ARG B 479 1.15 16.73 19.22
N PRO B 480 0.53 17.94 19.19
CA PRO B 480 1.32 19.16 19.44
C PRO B 480 1.98 19.24 20.82
N1 IMD C . -19.44 -29.26 -21.36
C2 IMD C . -18.49 -30.01 -20.83
N3 IMD C . -19.02 -30.76 -19.89
C4 IMD C . -20.35 -30.47 -19.80
C5 IMD C . -20.62 -29.55 -20.72
HN1 IMD C . -19.34 -28.69 -22.00
H2 IMD C . -17.60 -30.02 -21.10
HN3 IMD C . -18.60 -31.33 -19.40
H4 IMD C . -20.92 -30.88 -19.20
H5 IMD C . -21.42 -29.13 -20.93
N1 IMD D . 27.45 -8.31 32.74
C2 IMD D . 28.75 -8.44 32.88
N3 IMD D . 29.35 -7.40 32.35
C4 IMD D . 28.39 -6.55 31.86
C5 IMD D . 27.21 -7.13 32.10
HN1 IMD D . 26.85 -8.86 33.00
H2 IMD D . 29.18 -9.17 33.29
HN3 IMD D . 30.20 -7.26 32.33
H4 IMD D . 28.60 -5.74 31.45
H5 IMD D . 26.36 -6.83 31.90
N1 IMD E . 29.66 -7.06 27.89
C2 IMD E . 28.82 -6.11 27.53
N3 IMD E . 27.61 -6.45 27.93
C4 IMD E . 27.68 -7.65 28.56
C5 IMD E . 28.95 -8.03 28.54
HN1 IMD E . 30.51 -7.08 27.75
H2 IMD E . 29.05 -5.34 27.08
HN3 IMD E . 26.89 -5.98 27.82
H4 IMD E . 26.94 -8.08 28.92
H5 IMD E . 29.34 -8.81 28.88
N1 IMD F . 19.72 -13.72 22.21
C2 IMD F . 19.91 -12.66 22.98
N3 IMD F . 19.08 -12.73 23.99
C4 IMD F . 18.33 -13.86 23.87
C5 IMD F . 18.73 -14.48 22.75
HN1 IMD F . 20.15 -13.89 21.49
H2 IMD F . 20.54 -11.98 22.84
HN3 IMD F . 19.00 -12.16 24.64
H4 IMD F . 17.67 -14.11 24.48
H5 IMD F . 18.43 -15.27 22.37
C4 S2Z G . 23.47 -8.24 26.95
C5 S2Z G . 24.72 -8.26 26.30
C6 S2Z G . 25.11 -7.13 25.53
C7 S2Z G . 25.65 -9.36 26.30
C15 S2Z G . 28.38 -8.14 24.21
C17 S2Z G . 26.28 -11.66 27.08
C20 S2Z G . 28.48 -11.47 28.30
C21 S2Z G . 29.22 -11.36 29.46
C22 S2Z G . 28.59 -11.32 30.69
C24 S2Z G . 26.47 -11.54 29.59
C23 S2Z G . 27.21 -11.41 30.75
C1 S2Z G . 24.26 -6.00 25.47
C18 S2Z G . 27.10 -11.57 28.35
C3 S2Z G . 22.66 -7.14 26.88
C2 S2Z G . 23.06 -6.01 26.13
C9 S2Z G . 27.08 -8.17 24.95
C19 S2Z G . 25.46 -12.95 26.99
C14 S2Z G . 20.96 -8.13 28.24
C12 S2Z G . 22.50 -3.79 25.45
N10 S2Z G . 26.30 -7.07 24.85
N8 S2Z G . 26.81 -9.27 25.66
N16 S2Z G . 25.37 -10.52 27.01
O13 S2Z G . 21.44 -7.03 27.48
O11 S2Z G . 22.14 -5.00 26.12
H26 S2Z G . 23.19 -9.11 27.53
H33 S2Z G . 28.33 -7.44 23.38
H34 S2Z G . 28.66 -9.11 23.80
H35 S2Z G . 29.20 -7.82 24.86
H37 S2Z G . 26.95 -11.67 26.22
H41 S2Z G . 29.00 -11.48 27.34
H42 S2Z G . 30.30 -11.27 29.40
H43 S2Z G . 29.17 -11.23 31.60
H45 S2Z G . 25.39 -11.60 29.66
H44 S2Z G . 26.71 -11.39 31.71
H25 S2Z G . 24.62 -5.18 24.87
H40 S2Z G . 25.31 -13.44 27.94
H38 S2Z G . 25.93 -13.68 26.33
H39 S2Z G . 24.48 -12.76 26.57
H30 S2Z G . 19.97 -7.95 28.66
H31 S2Z G . 21.64 -8.44 29.03
H32 S2Z G . 20.88 -8.92 27.50
H27 S2Z G . 21.72 -3.02 25.53
H28 S2Z G . 22.59 -4.08 24.40
H29 S2Z G . 23.44 -3.36 25.78
H36 S2Z G . 24.50 -10.61 27.52
N1 IMD H . -30.81 51.77 -37.52
C2 IMD H . -32.04 51.31 -37.41
N3 IMD H . -32.56 51.19 -38.62
C4 IMD H . -31.63 51.60 -39.53
C5 IMD H . -30.53 51.96 -38.85
HN1 IMD H . -30.26 51.92 -36.88
H2 IMD H . -32.48 51.11 -36.62
HN3 IMD H . -33.34 50.91 -38.80
H4 IMD H . -31.78 51.61 -40.44
H5 IMD H . -29.72 52.28 -39.16
N1 IMD I . 0.00 -3.62 0.20
C2 IMD I . 0.60 -4.21 1.21
N3 IMD I . 1.90 -4.08 1.05
C4 IMD I . 2.14 -3.38 -0.09
C5 IMD I . 0.95 -3.08 -0.62
HN1 IMD I . -0.85 -3.57 0.07
H2 IMD I . 0.18 -4.65 1.91
HN3 IMD I . 2.51 -4.39 1.58
H4 IMD I . 2.99 -3.17 -0.39
H5 IMD I . 0.76 -2.61 -1.39
N1 IMD J . -3.45 -2.34 1.29
C2 IMD J . -2.80 -2.07 0.19
N3 IMD J . -3.45 -2.61 -0.82
C4 IMD J . -4.56 -3.23 -0.34
C5 IMD J . -4.56 -3.06 0.99
HN1 IMD J . -3.23 -2.10 2.10
H2 IMD J . -2.02 -1.58 0.13
HN3 IMD J . -3.23 -2.58 -1.65
H4 IMD J . -5.17 -3.69 -0.88
H5 IMD J . -5.17 -3.37 1.62
C4 S2Z K . -3.71 0.43 -3.93
C5 S2Z K . -4.56 0.28 -2.81
C6 S2Z K . -5.70 -0.54 -2.91
C7 S2Z K . -4.36 0.92 -1.52
C15 S2Z K . -7.24 -0.25 0.40
C17 S2Z K . -2.98 2.40 -0.03
C20 S2Z K . -2.21 0.97 1.90
C21 S2Z K . -1.27 0.18 2.53
C22 S2Z K . -0.05 -0.04 1.94
C24 S2Z K . -0.70 1.37 0.11
C23 S2Z K . 0.25 0.57 0.73
C1 S2Z K . -5.96 -1.21 -4.13
C18 S2Z K . -1.93 1.58 0.68
C3 S2Z K . -3.98 -0.24 -5.09
C2 S2Z K . -5.11 -1.07 -5.19
C9 S2Z K . -6.29 -0.07 -0.74
C19 S2Z K . -2.52 3.84 -0.30
C14 S2Z K . -2.04 0.65 -6.20
C12 S2Z K . -6.40 -2.50 -6.63
N10 S2Z K . -6.58 -0.73 -1.88
N8 S2Z K . -5.23 0.73 -0.54
N16 S2Z K . -3.28 1.77 -1.32
O13 S2Z K . -3.21 -0.17 -6.22
O11 S2Z K . -5.27 -1.66 -6.42
H26 S2Z K . -2.83 1.05 -3.82
H33 S2Z K . -8.22 -0.53 0.04
H34 S2Z K . -7.37 0.67 0.98
H35 S2Z K . -6.91 -1.03 1.08
H37 S2Z K . -3.88 2.47 0.58
H41 S2Z K . -3.19 1.11 2.37
H42 S2Z K . -1.51 -0.29 3.48
H43 S2Z K . 0.70 -0.64 2.45
H45 S2Z K . -0.44 1.81 -0.86
H44 S2Z K . 1.23 0.42 0.29
H25 S2Z K . -6.86 -1.83 -4.14
H40 S2Z K . -1.44 3.97 -0.25
H38 S2Z K . -2.96 4.54 0.40
H39 S2Z K . -2.82 4.16 -1.29
H30 S2Z K . -1.52 0.66 -7.15
H31 S2Z K . -1.35 0.40 -5.40
H32 S2Z K . -2.45 1.65 -6.03
H27 S2Z K . -6.43 -2.94 -7.62
H28 S2Z K . -7.24 -1.82 -6.52
H29 S2Z K . -6.49 -3.30 -5.88
H36 S2Z K . -2.66 1.99 -2.08
#